data_2BCO
#
_entry.id   2BCO
#
_cell.length_a   62.852
_cell.length_b   72.555
_cell.length_c   93.032
_cell.angle_alpha   90.00
_cell.angle_beta   105.66
_cell.angle_gamma   90.00
#
_symmetry.space_group_name_H-M   'P 1 21 1'
#
loop_
_entity.id
_entity.type
_entity.pdbx_description
1 polymer 'Succinylglutamate desuccinylase'
2 non-polymer 'ZINC ION'
3 water water
#
_entity_poly.entity_id   1
_entity_poly.type   'polypeptide(L)'
_entity_poly.pdbx_seq_one_letter_code
;(MSE)TKSLFRQSFLTDTLDVHIDVAPAEQVLSNGVQLKLYQRGVLEVIPENPTQETKNIIISCGIHGDETAP(MSE)EL
VDSIIKDIESGFQKVDARCLFIIAHPESTLAHTRFLEENLNRLFDEKEHEPTKELAIADTLKLLVRDFYQDTEPKTRWHL
DLHCAIRGSKHYTFAVSPKTRHPVRSKALVDFLDSAHIEAVLLSNSPSSTFSWYSAENYSAQALT(MSE)ELGRVARIGE
NALDRLTAFDLALRNLIAEAQPEHLSKPCIKYRVSRTIVRLHDDFDF(MSE)FDDNVENFTSFVHGEVFGHDGDKPL
(MSE)AKNDNEAIVFPNRHVAIGQRAAL(MSE)VCEVKTRFEEGELVYDLEHHHHHH
;
_entity_poly.pdbx_strand_id   A,B
#
loop_
_chem_comp.id
_chem_comp.type
_chem_comp.name
_chem_comp.formula
ZN non-polymer 'ZINC ION' 'Zn 2'
#
# COMPACT_ATOMS: atom_id res chain seq x y z
N SER A 4 -11.78 -16.36 20.67
CA SER A 4 -12.69 -17.23 19.88
C SER A 4 -12.50 -16.94 18.39
N LEU A 5 -12.17 -15.69 18.09
CA LEU A 5 -11.95 -15.28 16.71
C LEU A 5 -10.47 -15.41 16.39
N PHE A 6 -9.65 -15.39 17.44
CA PHE A 6 -8.20 -15.49 17.29
C PHE A 6 -7.64 -16.84 17.74
N ARG A 7 -6.53 -17.22 17.13
CA ARG A 7 -5.86 -18.47 17.46
C ARG A 7 -5.33 -18.33 18.89
N GLN A 8 -4.69 -17.19 19.14
CA GLN A 8 -4.12 -16.91 20.47
C GLN A 8 -4.52 -15.51 20.93
N SER A 9 -4.27 -14.50 20.09
CA SER A 9 -4.62 -13.11 20.40
C SER A 9 -4.50 -12.25 19.15
N PHE A 10 -5.02 -11.03 19.21
CA PHE A 10 -4.97 -10.13 18.08
C PHE A 10 -3.52 -9.85 17.64
N LEU A 11 -2.67 -9.51 18.60
CA LEU A 11 -1.27 -9.20 18.30
C LEU A 11 -0.43 -10.43 17.93
N THR A 12 -0.68 -11.56 18.58
CA THR A 12 0.08 -12.77 18.27
C THR A 12 -0.31 -13.31 16.90
N ASP A 13 -1.60 -13.39 16.60
CA ASP A 13 -2.03 -13.88 15.31
C ASP A 13 -1.48 -12.96 14.21
N THR A 14 -1.58 -11.66 14.44
CA THR A 14 -1.11 -10.68 13.47
C THR A 14 0.37 -10.91 13.16
N LEU A 15 1.14 -11.25 14.18
CA LEU A 15 2.58 -11.48 14.01
C LEU A 15 2.93 -12.81 13.35
N ASP A 16 1.99 -13.75 13.31
CA ASP A 16 2.24 -15.04 12.70
C ASP A 16 1.75 -15.08 11.26
N VAL A 17 2.68 -15.21 10.33
CA VAL A 17 2.36 -15.22 8.91
C VAL A 17 1.54 -16.44 8.46
N HIS A 18 1.64 -17.54 9.19
CA HIS A 18 0.92 -18.76 8.82
C HIS A 18 -0.41 -18.99 9.54
N ILE A 19 -1.40 -18.15 9.24
CA ILE A 19 -2.73 -18.30 9.83
C ILE A 19 -3.82 -17.91 8.83
N VAL A 21 -5.61 -15.15 7.80
CA VAL A 21 -5.92 -13.74 7.57
C VAL A 21 -7.16 -13.59 6.70
N ALA A 22 -8.04 -14.58 6.78
CA ALA A 22 -9.28 -14.55 6.02
C ALA A 22 -10.33 -13.83 6.84
N PRO A 23 -11.17 -13.02 6.17
CA PRO A 23 -12.23 -12.27 6.85
C PRO A 23 -13.11 -13.16 7.72
N ALA A 24 -13.50 -12.64 8.87
CA ALA A 24 -14.35 -13.38 9.79
C ALA A 24 -15.03 -12.40 10.74
N GLU A 25 -16.25 -12.72 11.15
CA GLU A 25 -17.00 -11.86 12.06
C GLU A 25 -17.43 -12.71 13.26
N GLN A 26 -17.91 -12.04 14.30
CA GLN A 26 -18.35 -12.73 15.51
C GLN A 26 -19.20 -11.83 16.40
N VAL A 27 -20.29 -12.37 16.91
CA VAL A 27 -21.16 -11.62 17.80
C VAL A 27 -21.01 -12.16 19.21
N LEU A 28 -20.66 -11.28 20.14
CA LEU A 28 -20.47 -11.68 21.53
C LEU A 28 -21.77 -11.79 22.29
N SER A 29 -21.72 -12.45 23.44
CA SER A 29 -22.89 -12.65 24.28
C SER A 29 -23.55 -11.34 24.68
N ASN A 30 -22.76 -10.30 24.88
CA ASN A 30 -23.31 -9.00 25.27
C ASN A 30 -23.76 -8.15 24.09
N GLY A 31 -23.72 -8.72 22.90
CA GLY A 31 -24.15 -7.97 21.73
C GLY A 31 -23.03 -7.29 20.95
N VAL A 32 -21.84 -7.16 21.54
CA VAL A 32 -20.73 -6.53 20.85
C VAL A 32 -20.33 -7.33 19.60
N GLN A 33 -20.06 -6.61 18.52
CA GLN A 33 -19.69 -7.26 17.27
C GLN A 33 -18.22 -7.04 16.89
N LEU A 34 -17.54 -8.12 16.54
CA LEU A 34 -16.13 -8.08 16.15
C LEU A 34 -15.99 -8.53 14.69
N LYS A 35 -15.27 -7.74 13.89
CA LYS A 35 -15.07 -8.07 12.48
C LYS A 35 -13.59 -7.95 12.10
N LEU A 36 -12.99 -9.07 11.71
CA LEU A 36 -11.59 -9.06 11.29
C LEU A 36 -11.55 -8.97 9.77
N TYR A 37 -11.34 -7.76 9.27
CA TYR A 37 -11.31 -7.55 7.82
C TYR A 37 -10.13 -8.22 7.14
N GLN A 38 -8.95 -8.09 7.74
CA GLN A 38 -7.73 -8.67 7.19
C GLN A 38 -6.70 -8.67 8.33
N ARG A 39 -5.47 -9.10 8.05
CA ARG A 39 -4.45 -9.13 9.09
C ARG A 39 -4.23 -7.76 9.76
N GLY A 40 -4.42 -7.73 11.07
CA GLY A 40 -4.21 -6.51 11.83
C GLY A 40 -5.29 -5.45 11.72
N VAL A 41 -6.46 -5.82 11.24
CA VAL A 41 -7.56 -4.87 11.12
C VAL A 41 -8.78 -5.47 11.80
N LEU A 42 -9.15 -4.89 12.93
CA LEU A 42 -10.29 -5.42 13.69
C LEU A 42 -11.29 -4.33 14.00
N GLU A 43 -12.54 -4.50 13.56
CA GLU A 43 -13.55 -3.51 13.86
C GLU A 43 -14.39 -4.02 15.02
N VAL A 44 -14.77 -3.12 15.92
CA VAL A 44 -15.59 -3.48 17.06
C VAL A 44 -16.78 -2.56 17.05
N ILE A 45 -17.98 -3.14 16.92
CA ILE A 45 -19.22 -2.38 16.88
C ILE A 45 -20.02 -2.62 18.15
N PRO A 46 -20.56 -1.56 18.77
CA PRO A 46 -21.37 -1.68 19.99
C PRO A 46 -22.72 -2.35 19.73
N GLU A 47 -23.29 -2.91 20.78
CA GLU A 47 -24.58 -3.58 20.67
C GLU A 47 -25.69 -2.60 20.27
N ASN A 48 -25.67 -1.41 20.86
CA ASN A 48 -26.68 -0.39 20.57
C ASN A 48 -26.12 0.91 20.01
N PRO A 49 -25.82 0.94 18.70
CA PRO A 49 -25.28 2.16 18.09
C PRO A 49 -26.33 3.27 18.04
N THR A 50 -25.87 4.51 18.20
CA THR A 50 -26.76 5.68 18.14
C THR A 50 -26.10 6.78 17.34
N GLN A 51 -26.77 7.92 17.23
CA GLN A 51 -26.25 9.04 16.48
C GLN A 51 -25.07 9.69 17.19
N GLU A 52 -24.95 9.45 18.48
CA GLU A 52 -23.87 10.04 19.27
C GLU A 52 -22.74 9.04 19.54
N THR A 53 -22.85 7.84 18.97
CA THR A 53 -21.82 6.82 19.15
C THR A 53 -20.52 7.26 18.48
N LYS A 54 -19.42 7.24 19.22
CA LYS A 54 -18.14 7.62 18.65
C LYS A 54 -17.57 6.57 17.69
N ASN A 55 -16.82 7.05 16.70
CA ASN A 55 -16.18 6.18 15.73
C ASN A 55 -14.71 6.44 15.90
N ILE A 56 -14.07 5.58 16.68
CA ILE A 56 -12.67 5.72 16.98
C ILE A 56 -11.74 4.75 16.28
N ILE A 57 -10.77 5.30 15.58
CA ILE A 57 -9.77 4.49 14.91
C ILE A 57 -8.62 4.47 15.90
N ILE A 58 -8.18 3.29 16.29
CA ILE A 58 -7.08 3.19 17.23
C ILE A 58 -5.98 2.41 16.52
N SER A 59 -4.98 3.11 16.01
CA SER A 59 -3.90 2.44 15.31
C SER A 59 -2.60 2.42 16.10
N CYS A 60 -1.82 1.38 15.86
CA CYS A 60 -0.54 1.24 16.51
C CYS A 60 0.38 0.55 15.52
N GLY A 61 1.67 0.62 15.78
CA GLY A 61 2.61 -0.04 14.89
C GLY A 61 2.91 0.59 13.55
N ILE A 62 2.58 1.87 13.34
CA ILE A 62 2.90 2.53 12.07
C ILE A 62 4.40 2.32 11.89
N HIS A 63 5.10 2.34 13.03
CA HIS A 63 6.53 2.11 13.13
C HIS A 63 6.60 0.76 13.85
N GLY A 64 7.26 -0.21 13.22
CA GLY A 64 7.34 -1.57 13.78
C GLY A 64 7.86 -1.80 15.18
N ASP A 65 8.93 -1.10 15.55
CA ASP A 65 9.52 -1.28 16.88
C ASP A 65 8.82 -0.60 18.07
N GLU A 66 7.68 0.05 17.84
CA GLU A 66 6.98 0.72 18.93
C GLU A 66 5.87 -0.17 19.47
N THR A 67 6.29 -1.17 20.24
CA THR A 67 5.41 -2.20 20.76
C THR A 67 4.46 -1.98 21.93
N ALA A 68 4.84 -1.14 22.90
CA ALA A 68 3.99 -0.88 24.06
C ALA A 68 2.50 -0.68 23.73
N PRO A 69 2.18 0.23 22.80
CA PRO A 69 0.75 0.43 22.49
C PRO A 69 0.11 -0.83 21.90
N MSE A 70 0.91 -1.61 21.17
CA MSE A 70 0.42 -2.84 20.57
C MSE A 70 -0.01 -3.78 21.68
O MSE A 70 -1.05 -4.44 21.57
CB MSE A 70 1.51 -3.49 19.71
CG MSE A 70 2.15 -2.55 18.70
SE MSE A 70 3.45 -3.40 17.51
CE MSE A 70 4.01 -4.86 18.66
N GLU A 71 0.77 -3.83 22.75
CA GLU A 71 0.47 -4.68 23.91
C GLU A 71 -0.82 -4.20 24.57
N LEU A 72 -0.96 -2.88 24.71
CA LEU A 72 -2.16 -2.30 25.34
C LEU A 72 -3.38 -2.63 24.50
N VAL A 73 -3.26 -2.47 23.18
CA VAL A 73 -4.35 -2.78 22.27
C VAL A 73 -4.68 -4.27 22.38
N ASP A 74 -3.65 -5.09 22.45
CA ASP A 74 -3.86 -6.53 22.55
C ASP A 74 -4.66 -6.95 23.78
N SER A 75 -4.41 -6.29 24.91
CA SER A 75 -5.13 -6.58 26.16
C SER A 75 -6.56 -6.03 26.12
N ILE A 76 -6.76 -4.93 25.40
CA ILE A 76 -8.10 -4.36 25.27
C ILE A 76 -8.97 -5.29 24.43
N ILE A 77 -8.39 -5.84 23.37
CA ILE A 77 -9.12 -6.76 22.51
C ILE A 77 -9.50 -8.00 23.34
N LYS A 78 -8.54 -8.49 24.11
CA LYS A 78 -8.78 -9.66 24.95
C LYS A 78 -9.88 -9.42 25.97
N ASP A 79 -9.93 -8.22 26.54
CA ASP A 79 -10.95 -7.90 27.53
C ASP A 79 -12.32 -7.67 26.90
N ILE A 80 -12.33 -7.12 25.69
CA ILE A 80 -13.60 -6.90 25.00
C ILE A 80 -14.20 -8.24 24.61
N GLU A 81 -13.36 -9.17 24.20
CA GLU A 81 -13.81 -10.49 23.79
C GLU A 81 -14.32 -11.33 24.95
N SER A 82 -13.82 -11.05 26.15
CA SER A 82 -14.25 -11.78 27.34
C SER A 82 -15.39 -11.06 28.05
N GLY A 83 -15.82 -9.93 27.51
CA GLY A 83 -16.91 -9.17 28.11
C GLY A 83 -16.46 -8.29 29.26
N PHE A 84 -15.21 -8.43 29.67
CA PHE A 84 -14.67 -7.63 30.78
C PHE A 84 -14.64 -6.14 30.45
N GLN A 85 -14.37 -5.82 29.19
CA GLN A 85 -14.33 -4.43 28.76
C GLN A 85 -15.66 -4.07 28.12
N LYS A 86 -16.30 -3.04 28.66
CA LYS A 86 -17.58 -2.60 28.14
C LYS A 86 -17.33 -1.81 26.86
N VAL A 87 -18.06 -2.13 25.80
CA VAL A 87 -17.89 -1.44 24.53
C VAL A 87 -19.09 -0.55 24.23
N ASP A 88 -18.83 0.73 24.03
CA ASP A 88 -19.89 1.68 23.76
C ASP A 88 -19.61 2.49 22.49
N ALA A 89 -18.37 2.50 22.05
CA ALA A 89 -18.02 3.24 20.85
C ALA A 89 -17.61 2.28 19.75
N ARG A 90 -17.85 2.66 18.50
CA ARG A 90 -17.47 1.84 17.37
C ARG A 90 -15.98 2.09 17.20
N CYS A 91 -15.19 1.02 17.09
CA CYS A 91 -13.74 1.17 16.97
C CYS A 91 -13.14 0.37 15.81
N LEU A 92 -11.99 0.82 15.34
CA LEU A 92 -11.26 0.14 14.29
C LEU A 92 -9.84 0.02 14.80
N PHE A 93 -9.45 -1.18 15.24
CA PHE A 93 -8.12 -1.42 15.76
C PHE A 93 -7.19 -1.83 14.64
N ILE A 94 -6.05 -1.17 14.58
CA ILE A 94 -5.12 -1.45 13.52
C ILE A 94 -3.71 -1.70 14.02
N ILE A 95 -3.10 -2.77 13.53
CA ILE A 95 -1.72 -3.07 13.82
C ILE A 95 -1.16 -2.93 12.40
N ALA A 96 -0.66 -1.74 12.08
CA ALA A 96 -0.12 -1.50 10.76
C ALA A 96 1.29 -2.04 10.69
N HIS A 97 1.68 -2.56 9.54
CA HIS A 97 3.05 -3.05 9.38
C HIS A 97 3.62 -4.15 10.27
N PRO A 98 2.91 -5.28 10.41
CA PRO A 98 3.44 -6.35 11.26
C PRO A 98 4.80 -6.92 10.78
N GLU A 99 5.08 -6.79 9.50
CA GLU A 99 6.34 -7.31 9.00
C GLU A 99 7.52 -6.57 9.62
N SER A 100 7.36 -5.28 9.85
CA SER A 100 8.43 -4.47 10.45
C SER A 100 8.55 -4.73 11.95
N THR A 101 7.45 -5.15 12.58
CA THR A 101 7.48 -5.45 14.01
C THR A 101 8.29 -6.73 14.19
N LEU A 102 8.30 -7.57 13.16
CA LEU A 102 9.06 -8.83 13.20
C LEU A 102 10.55 -8.57 12.99
N ALA A 103 10.88 -7.64 12.10
CA ALA A 103 12.26 -7.31 11.84
C ALA A 103 12.78 -6.43 12.98
N HIS A 104 11.86 -6.05 13.87
CA HIS A 104 12.19 -5.22 15.04
C HIS A 104 12.77 -3.87 14.62
N THR A 105 12.32 -3.33 13.49
CA THR A 105 12.83 -2.05 13.02
C THR A 105 11.70 -1.03 12.89
N ARG A 106 12.09 0.22 12.65
CA ARG A 106 11.14 1.31 12.51
C ARG A 106 10.32 1.09 11.25
N PHE A 107 11.02 0.72 10.18
CA PHE A 107 10.41 0.45 8.89
C PHE A 107 11.29 -0.50 8.09
N LEU A 108 10.82 -0.91 6.92
CA LEU A 108 11.59 -1.83 6.10
C LEU A 108 12.28 -1.04 4.98
N GLU A 109 11.51 -0.32 4.18
CA GLU A 109 12.10 0.47 3.13
C GLU A 109 12.03 1.97 3.42
N GLU A 110 10.85 2.45 3.83
CA GLU A 110 10.70 3.88 4.12
C GLU A 110 9.74 4.14 5.28
N ASN A 111 9.95 5.24 6.00
CA ASN A 111 9.11 5.62 7.14
C ASN A 111 7.65 5.69 6.70
N LEU A 112 6.84 4.77 7.19
CA LEU A 112 5.43 4.71 6.81
C LEU A 112 4.69 6.03 7.12
N ASN A 113 5.08 6.70 8.19
CA ASN A 113 4.38 7.92 8.58
C ASN A 113 4.78 9.21 7.86
N ARG A 114 5.31 9.08 6.65
CA ARG A 114 5.68 10.21 5.82
C ARG A 114 5.03 10.03 4.45
N LEU A 115 4.25 8.97 4.32
CA LEU A 115 3.63 8.62 3.04
C LEU A 115 2.15 8.89 2.85
N PHE A 116 1.55 9.71 3.70
CA PHE A 116 0.13 10.01 3.57
C PHE A 116 -0.19 11.33 2.87
N ASP A 117 0.82 12.14 2.56
CA ASP A 117 0.56 13.41 1.88
C ASP A 117 0.46 13.26 0.36
N GLU A 118 0.06 14.34 -0.31
CA GLU A 118 -0.11 14.34 -1.76
C GLU A 118 1.16 14.45 -2.63
N LYS A 119 2.33 14.46 -2.01
CA LYS A 119 3.57 14.56 -2.78
C LYS A 119 3.82 13.26 -3.54
N GLU A 120 4.81 13.26 -4.44
CA GLU A 120 5.13 12.06 -5.20
C GLU A 120 6.02 11.16 -4.36
N HIS A 121 5.75 9.86 -4.38
CA HIS A 121 6.54 8.91 -3.62
C HIS A 121 7.00 7.75 -4.50
N GLU A 122 8.18 7.20 -4.20
CA GLU A 122 8.68 6.07 -4.97
C GLU A 122 7.96 4.83 -4.47
N PRO A 123 7.83 3.80 -5.31
CA PRO A 123 7.14 2.58 -4.85
C PRO A 123 7.92 1.89 -3.74
N THR A 124 7.28 1.63 -2.60
CA THR A 124 7.93 0.94 -1.47
C THR A 124 6.91 0.07 -0.78
N LYS A 125 7.36 -0.85 0.07
CA LYS A 125 6.42 -1.71 0.79
C LYS A 125 5.48 -0.81 1.61
N GLU A 126 6.05 0.22 2.22
CA GLU A 126 5.25 1.12 3.05
C GLU A 126 4.24 1.96 2.25
N LEU A 127 4.56 2.26 0.99
CA LEU A 127 3.65 3.06 0.17
C LEU A 127 2.34 2.29 -0.03
N ALA A 128 2.48 1.03 -0.42
CA ALA A 128 1.32 0.16 -0.64
C ALA A 128 0.51 0.02 0.64
N ILE A 129 1.20 -0.04 1.78
CA ILE A 129 0.54 -0.16 3.07
C ILE A 129 -0.27 1.12 3.32
N ALA A 130 0.40 2.27 3.19
CA ALA A 130 -0.27 3.55 3.39
C ALA A 130 -1.50 3.62 2.48
N ASP A 131 -1.34 3.14 1.25
CA ASP A 131 -2.44 3.13 0.29
C ASP A 131 -3.63 2.36 0.88
N THR A 132 -3.33 1.21 1.50
CA THR A 132 -4.38 0.40 2.11
C THR A 132 -4.98 1.09 3.35
N LEU A 133 -4.13 1.77 4.13
CA LEU A 133 -4.62 2.44 5.33
C LEU A 133 -5.61 3.56 5.00
N LYS A 134 -5.36 4.27 3.91
CA LYS A 134 -6.26 5.35 3.52
C LYS A 134 -7.64 4.77 3.21
N LEU A 135 -7.65 3.55 2.67
CA LEU A 135 -8.89 2.86 2.33
C LEU A 135 -9.66 2.47 3.60
N LEU A 136 -8.94 1.95 4.59
CA LEU A 136 -9.56 1.54 5.87
C LEU A 136 -10.21 2.74 6.54
N VAL A 137 -9.55 3.90 6.44
CA VAL A 137 -10.08 5.11 7.05
C VAL A 137 -11.38 5.49 6.36
N ARG A 138 -11.33 5.50 5.03
CA ARG A 138 -12.50 5.84 4.23
C ARG A 138 -13.69 4.96 4.57
N ASP A 139 -13.48 3.64 4.55
CA ASP A 139 -14.56 2.69 4.83
C ASP A 139 -15.15 2.81 6.24
N PHE A 140 -14.29 3.10 7.21
CA PHE A 140 -14.72 3.22 8.59
C PHE A 140 -15.52 4.51 8.85
N TYR A 141 -15.07 5.62 8.30
CA TYR A 141 -15.77 6.89 8.51
C TYR A 141 -16.94 7.11 7.56
N GLN A 142 -17.09 6.24 6.57
CA GLN A 142 -18.18 6.37 5.61
C GLN A 142 -19.54 6.37 6.33
N ASP A 143 -20.36 7.36 6.01
CA ASP A 143 -21.69 7.49 6.60
C ASP A 143 -21.65 7.65 8.13
N THR A 144 -20.76 8.52 8.60
CA THR A 144 -20.66 8.80 10.02
C THR A 144 -20.61 10.31 10.11
N GLU A 145 -21.17 10.88 11.16
CA GLU A 145 -21.11 12.33 11.30
C GLU A 145 -19.71 12.73 11.73
N PRO A 146 -19.15 13.76 11.10
CA PRO A 146 -17.80 14.25 11.40
C PRO A 146 -17.53 14.44 12.89
N LYS A 147 -18.52 14.93 13.63
CA LYS A 147 -18.35 15.17 15.07
C LYS A 147 -18.09 13.92 15.89
N THR A 148 -18.45 12.76 15.34
CA THR A 148 -18.25 11.50 16.03
C THR A 148 -16.87 10.89 15.76
N ARG A 149 -16.16 11.41 14.76
CA ARG A 149 -14.87 10.84 14.38
C ARG A 149 -13.63 11.11 15.24
N TRP A 150 -12.93 10.03 15.56
CA TRP A 150 -11.71 10.07 16.37
C TRP A 150 -10.64 9.19 15.74
N HIS A 151 -9.39 9.62 15.85
CA HIS A 151 -8.28 8.82 15.36
C HIS A 151 -7.10 9.01 16.30
N LEU A 152 -6.79 7.96 17.03
CA LEU A 152 -5.68 7.97 17.96
C LEU A 152 -4.60 7.04 17.41
N ASP A 153 -3.52 7.62 16.91
CA ASP A 153 -2.40 6.86 16.37
C ASP A 153 -1.34 6.73 17.45
N LEU A 154 -1.14 5.50 17.94
CA LEU A 154 -0.20 5.25 19.04
C LEU A 154 1.24 4.90 18.68
N HIS A 155 2.16 5.75 19.15
CA HIS A 155 3.59 5.59 18.89
C HIS A 155 4.41 5.55 20.19
N CYS A 156 5.72 5.46 20.03
CA CYS A 156 6.68 5.47 21.14
C CYS A 156 7.83 6.34 20.65
N ALA A 157 8.41 7.14 21.56
CA ALA A 157 9.52 8.00 21.19
C ALA A 157 10.81 7.20 21.00
N ILE A 158 11.72 7.73 20.20
CA ILE A 158 12.99 7.05 19.95
C ILE A 158 14.12 7.64 20.80
N ARG A 159 13.81 8.71 21.53
CA ARG A 159 14.80 9.37 22.37
C ARG A 159 14.09 9.76 23.66
N GLY A 160 14.87 10.13 24.68
CA GLY A 160 14.30 10.50 25.96
C GLY A 160 13.65 11.87 25.99
N SER A 161 12.97 12.19 27.07
CA SER A 161 12.33 13.49 27.21
C SER A 161 11.83 13.74 28.63
N LYS A 162 11.72 15.02 28.98
CA LYS A 162 11.21 15.37 30.31
C LYS A 162 9.71 15.06 30.32
N HIS A 163 9.17 14.82 29.12
CA HIS A 163 7.76 14.47 28.97
C HIS A 163 7.72 13.01 28.54
N TYR A 164 7.51 12.09 29.49
CA TYR A 164 7.48 10.67 29.17
C TYR A 164 6.41 10.39 28.11
N THR A 165 5.28 11.09 28.22
CA THR A 165 4.18 10.98 27.25
C THR A 165 3.87 12.39 26.74
N PHE A 166 3.49 12.46 25.46
CA PHE A 166 3.10 13.71 24.84
C PHE A 166 2.40 13.39 23.53
N ALA A 167 1.70 14.38 22.97
CA ALA A 167 0.96 14.16 21.75
C ALA A 167 1.13 15.30 20.77
N VAL A 168 0.82 15.02 19.51
CA VAL A 168 0.92 16.01 18.45
C VAL A 168 -0.43 16.12 17.74
N SER A 169 -0.98 17.34 17.73
CA SER A 169 -2.25 17.61 17.08
C SER A 169 -2.00 18.20 15.69
N PRO A 170 -2.44 17.51 14.63
CA PRO A 170 -2.28 17.92 13.22
C PRO A 170 -2.86 19.29 12.90
N LYS A 171 -2.31 19.90 11.85
CA LYS A 171 -2.72 21.20 11.36
C LYS A 171 -3.65 21.04 10.17
N THR A 172 -4.88 21.52 10.33
CA THR A 172 -5.88 21.45 9.27
C THR A 172 -6.87 22.58 9.50
N ARG A 173 -7.59 22.98 8.45
CA ARG A 173 -8.57 24.06 8.56
C ARG A 173 -9.80 23.56 9.32
N HIS A 174 -9.95 22.23 9.40
CA HIS A 174 -11.07 21.63 10.10
C HIS A 174 -10.86 21.74 11.61
N PRO A 175 -11.95 21.89 12.39
CA PRO A 175 -11.84 21.99 13.85
C PRO A 175 -11.64 20.58 14.42
N VAL A 176 -10.40 20.20 14.67
CA VAL A 176 -10.11 18.86 15.17
C VAL A 176 -9.45 18.90 16.55
N ARG A 177 -9.49 20.06 17.19
CA ARG A 177 -8.90 20.23 18.51
C ARG A 177 -10.00 20.56 19.48
N SER A 178 -10.90 19.60 19.68
CA SER A 178 -12.07 19.76 20.53
C SER A 178 -11.90 19.69 22.05
N LYS A 179 -13.00 19.97 22.73
CA LYS A 179 -13.07 19.94 24.18
C LYS A 179 -12.91 18.49 24.64
N ALA A 180 -13.60 17.57 23.95
CA ALA A 180 -13.52 16.16 24.32
C ALA A 180 -12.11 15.61 24.14
N LEU A 181 -11.46 15.96 23.03
CA LEU A 181 -10.10 15.49 22.78
C LEU A 181 -9.14 15.95 23.87
N VAL A 182 -9.22 17.23 24.24
CA VAL A 182 -8.37 17.81 25.28
C VAL A 182 -8.67 17.18 26.62
N ASP A 183 -9.95 16.98 26.93
CA ASP A 183 -10.32 16.33 28.18
C ASP A 183 -9.70 14.94 28.21
N PHE A 184 -9.64 14.29 27.05
CA PHE A 184 -9.07 12.95 26.95
C PHE A 184 -7.60 12.99 27.31
N LEU A 185 -6.88 13.96 26.73
CA LEU A 185 -5.46 14.12 27.00
C LEU A 185 -5.23 14.25 28.50
N ASP A 186 -6.00 15.12 29.14
CA ASP A 186 -5.86 15.37 30.56
C ASP A 186 -6.19 14.13 31.40
N SER A 187 -7.28 13.45 31.06
CA SER A 187 -7.64 12.25 31.79
C SER A 187 -6.59 11.17 31.62
N ALA A 188 -5.98 11.12 30.43
CA ALA A 188 -4.95 10.11 30.13
C ALA A 188 -3.63 10.44 30.78
N HIS A 189 -3.51 11.65 31.31
CA HIS A 189 -2.29 12.08 31.97
C HIS A 189 -1.13 12.30 30.99
N ILE A 190 -1.47 12.64 29.74
CA ILE A 190 -0.45 12.92 28.74
C ILE A 190 0.15 14.26 29.16
N GLU A 191 1.43 14.25 29.47
CA GLU A 191 2.12 15.44 29.96
C GLU A 191 2.09 16.68 29.08
N ALA A 192 2.09 16.51 27.77
CA ALA A 192 2.08 17.67 26.90
C ALA A 192 1.52 17.37 25.51
N VAL A 193 0.99 18.42 24.88
CA VAL A 193 0.46 18.30 23.53
C VAL A 193 1.06 19.40 22.67
N LEU A 194 1.61 19.00 21.53
CA LEU A 194 2.23 19.95 20.59
C LEU A 194 1.18 20.21 19.49
N LEU A 195 0.82 21.48 19.30
CA LEU A 195 -0.14 21.85 18.27
C LEU A 195 0.63 22.18 17.00
N SER A 196 0.55 21.33 15.98
CA SER A 196 1.28 21.58 14.75
C SER A 196 0.81 22.88 14.08
N ASN A 197 1.71 23.56 13.38
CA ASN A 197 1.35 24.78 12.68
C ASN A 197 1.53 24.57 11.18
N SER A 198 1.82 23.34 10.77
CA SER A 198 2.01 23.05 9.35
C SER A 198 1.49 21.66 8.93
N PRO A 199 0.81 21.58 7.77
CA PRO A 199 0.28 20.31 7.26
C PRO A 199 1.37 19.27 7.19
N SER A 200 1.05 18.03 7.55
CA SER A 200 2.07 16.98 7.57
C SER A 200 1.84 15.84 6.58
N SER A 201 2.42 14.69 6.87
CA SER A 201 2.29 13.53 6.00
C SER A 201 2.02 12.29 6.82
N THR A 202 1.65 12.48 8.10
CA THR A 202 1.40 11.36 8.98
C THR A 202 0.01 10.77 8.83
N PHE A 203 -0.18 9.62 9.43
CA PHE A 203 -1.45 8.90 9.39
C PHE A 203 -2.51 9.71 10.14
N SER A 204 -2.11 10.31 11.26
CA SER A 204 -2.99 11.12 12.08
C SER A 204 -3.44 12.37 11.32
N TRP A 205 -2.48 13.05 10.68
CA TRP A 205 -2.78 14.24 9.90
C TRP A 205 -3.75 13.90 8.77
N TYR A 206 -3.57 12.74 8.14
CA TYR A 206 -4.45 12.34 7.04
C TYR A 206 -5.92 12.25 7.45
N SER A 207 -6.19 11.72 8.64
CA SER A 207 -7.55 11.60 9.12
C SER A 207 -8.13 12.96 9.47
N ALA A 208 -7.31 13.83 10.07
CA ALA A 208 -7.76 15.16 10.44
C ALA A 208 -8.05 16.00 9.19
N GLU A 209 -7.13 15.99 8.25
CA GLU A 209 -7.27 16.76 7.02
C GLU A 209 -8.36 16.28 6.09
N ASN A 210 -8.52 14.97 5.98
CA ASN A 210 -9.50 14.43 5.05
C ASN A 210 -10.82 13.97 5.62
N TYR A 211 -10.93 13.89 6.94
CA TYR A 211 -12.19 13.45 7.52
C TYR A 211 -12.58 14.21 8.78
N SER A 212 -11.86 15.29 9.05
CA SER A 212 -12.13 16.12 10.22
C SER A 212 -12.16 15.34 11.51
N ALA A 213 -11.31 14.32 11.63
CA ALA A 213 -11.30 13.50 12.84
C ALA A 213 -10.52 14.19 13.95
N GLN A 214 -10.94 13.97 15.19
CA GLN A 214 -10.25 14.54 16.36
C GLN A 214 -9.07 13.57 16.44
N ALA A 215 -7.97 13.98 15.82
CA ALA A 215 -6.80 13.12 15.71
C ALA A 215 -5.54 13.53 16.42
N LEU A 216 -4.78 12.53 16.84
CA LEU A 216 -3.52 12.78 17.50
C LEU A 216 -2.53 11.68 17.18
N THR A 217 -1.27 12.04 17.29
CA THR A 217 -0.19 11.07 17.14
C THR A 217 0.27 11.10 18.59
N MSE A 218 0.19 9.97 19.28
CA MSE A 218 0.58 9.93 20.68
C MSE A 218 1.89 9.19 20.94
O MSE A 218 2.04 8.03 20.55
CB MSE A 218 -0.56 9.33 21.52
CG MSE A 218 -1.88 10.07 21.36
SE MSE A 218 -3.40 9.28 22.27
CE MSE A 218 -3.20 10.18 23.96
N GLU A 219 2.84 9.86 21.58
CA GLU A 219 4.14 9.27 21.91
C GLU A 219 4.05 8.66 23.32
N LEU A 220 3.83 7.36 23.37
CA LEU A 220 3.69 6.61 24.62
C LEU A 220 4.97 5.89 25.02
N GLY A 221 5.77 6.52 25.86
CA GLY A 221 6.99 5.88 26.30
C GLY A 221 8.04 5.79 25.22
N ARG A 222 8.94 4.82 25.40
CA ARG A 222 10.07 4.59 24.50
C ARG A 222 9.91 3.23 23.83
N VAL A 223 10.73 2.97 22.81
CA VAL A 223 10.67 1.69 22.12
C VAL A 223 11.36 0.58 22.94
N ALA A 224 10.78 -0.62 22.90
CA ALA A 224 11.33 -1.78 23.59
C ALA A 224 10.62 -2.98 23.01
N ARG A 225 11.20 -4.16 23.20
CA ARG A 225 10.59 -5.36 22.66
C ARG A 225 9.29 -5.68 23.38
N ILE A 226 8.48 -6.51 22.76
CA ILE A 226 7.22 -6.95 23.33
C ILE A 226 7.53 -7.76 24.60
N GLY A 227 6.78 -7.50 25.67
CA GLY A 227 6.98 -8.19 26.92
C GLY A 227 8.12 -7.58 27.71
N GLU A 228 8.71 -6.53 27.17
CA GLU A 228 9.83 -5.87 27.83
C GLU A 228 9.61 -4.36 27.95
N ASN A 229 8.35 -3.93 27.90
CA ASN A 229 8.02 -2.51 28.02
C ASN A 229 7.73 -2.08 29.47
N ALA A 230 7.84 -0.79 29.71
CA ALA A 230 7.56 -0.22 31.03
C ALA A 230 6.07 0.10 31.08
N LEU A 231 5.27 -0.94 30.90
CA LEU A 231 3.80 -0.85 30.87
C LEU A 231 3.06 -0.09 31.97
N ASP A 232 3.57 -0.17 33.19
CA ASP A 232 2.94 0.50 34.32
C ASP A 232 2.92 2.01 34.13
N ARG A 233 3.93 2.54 33.45
CA ARG A 233 4.01 3.96 33.20
C ARG A 233 2.93 4.39 32.20
N LEU A 234 2.20 3.44 31.64
CA LEU A 234 1.14 3.77 30.68
C LEU A 234 -0.23 3.46 31.24
N THR A 235 -0.29 3.13 32.51
CA THR A 235 -1.54 2.80 33.16
C THR A 235 -2.61 3.91 33.06
N ALA A 236 -2.23 5.15 33.32
CA ALA A 236 -3.18 6.25 33.26
C ALA A 236 -3.74 6.40 31.84
N PHE A 237 -2.87 6.32 30.85
CA PHE A 237 -3.34 6.42 29.48
C PHE A 237 -4.31 5.28 29.13
N ASP A 238 -3.91 4.05 29.45
CA ASP A 238 -4.72 2.87 29.15
C ASP A 238 -6.12 2.92 29.76
N LEU A 239 -6.21 3.44 30.98
CA LEU A 239 -7.47 3.55 31.69
C LEU A 239 -8.34 4.61 31.01
N ALA A 240 -7.70 5.71 30.62
CA ALA A 240 -8.40 6.79 29.94
C ALA A 240 -8.91 6.26 28.60
N LEU A 241 -8.10 5.43 27.93
CA LEU A 241 -8.50 4.86 26.65
C LEU A 241 -9.63 3.85 26.84
N ARG A 242 -9.60 3.09 27.93
CA ARG A 242 -10.68 2.13 28.17
C ARG A 242 -11.97 2.88 28.48
N ASN A 243 -11.87 3.98 29.22
CA ASN A 243 -13.04 4.76 29.56
C ASN A 243 -13.64 5.39 28.30
N LEU A 244 -12.80 5.70 27.33
CA LEU A 244 -13.25 6.32 26.09
C LEU A 244 -14.04 5.34 25.23
N ILE A 245 -13.54 4.13 25.08
CA ILE A 245 -14.26 3.14 24.28
C ILE A 245 -15.55 2.72 25.00
N ALA A 246 -15.59 2.88 26.32
CA ALA A 246 -16.76 2.50 27.11
C ALA A 246 -17.65 3.70 27.46
N GLU A 247 -17.27 4.89 27.04
CA GLU A 247 -18.06 6.09 27.33
C GLU A 247 -18.36 6.20 28.82
N ALA A 248 -17.33 6.13 29.65
CA ALA A 248 -17.50 6.21 31.09
C ALA A 248 -16.54 7.15 31.79
N GLN A 249 -16.75 7.30 33.09
CA GLN A 249 -15.92 8.13 33.97
C GLN A 249 -15.53 9.49 33.41
N PRO A 250 -16.52 10.35 33.13
CA PRO A 250 -16.21 11.68 32.59
C PRO A 250 -15.92 12.68 33.72
N GLU A 251 -14.68 12.73 34.18
CA GLU A 251 -14.30 13.64 35.25
C GLU A 251 -13.33 14.72 34.79
N HIS A 252 -13.14 15.74 35.62
CA HIS A 252 -12.25 16.86 35.32
C HIS A 252 -11.34 17.18 36.50
N LEU A 253 -10.98 16.16 37.26
CA LEU A 253 -10.14 16.34 38.44
C LEU A 253 -8.65 16.42 38.09
N SER A 254 -8.27 15.90 36.93
CA SER A 254 -6.87 15.91 36.47
C SER A 254 -6.40 17.30 36.06
N LYS A 255 -5.08 17.46 35.98
CA LYS A 255 -4.50 18.74 35.59
C LYS A 255 -4.40 18.91 34.08
N PRO A 256 -4.28 20.16 33.61
CA PRO A 256 -4.18 20.39 32.17
C PRO A 256 -2.79 20.00 31.66
N CYS A 257 -2.73 19.31 30.53
CA CYS A 257 -1.45 18.94 29.95
C CYS A 257 -0.81 20.24 29.47
N ILE A 258 0.51 20.27 29.36
CA ILE A 258 1.18 21.46 28.89
C ILE A 258 0.88 21.62 27.39
N LYS A 259 0.56 22.85 26.97
CA LYS A 259 0.25 23.12 25.58
C LYS A 259 1.45 23.83 24.93
N TYR A 260 1.91 23.30 23.80
CA TYR A 260 3.05 23.87 23.09
C TYR A 260 2.61 24.33 21.71
N ARG A 261 3.35 25.26 21.13
CA ARG A 261 3.07 25.76 19.78
C ARG A 261 4.44 25.76 19.10
N VAL A 262 4.45 25.79 17.78
CA VAL A 262 5.72 25.79 17.07
C VAL A 262 6.34 27.20 16.96
N SER A 263 7.42 27.43 17.70
CA SER A 263 8.10 28.73 17.67
C SER A 263 8.58 28.93 16.24
N ARG A 264 9.34 27.96 15.74
CA ARG A 264 9.84 28.00 14.38
C ARG A 264 10.26 26.62 13.90
N THR A 265 10.30 26.48 12.58
CA THR A 265 10.68 25.22 11.96
C THR A 265 12.06 25.35 11.33
N ILE A 266 12.95 24.40 11.64
CA ILE A 266 14.32 24.41 11.12
C ILE A 266 14.43 23.61 9.82
N VAL A 267 14.95 24.24 8.78
CA VAL A 267 15.11 23.56 7.49
C VAL A 267 16.57 23.52 7.04
N ARG A 268 17.05 22.33 6.66
CA ARG A 268 18.42 22.15 6.21
C ARG A 268 18.66 22.78 4.85
N LEU A 269 19.53 23.78 4.82
CA LEU A 269 19.85 24.51 3.59
C LEU A 269 21.11 24.01 2.88
N HIS A 270 22.12 23.62 3.65
CA HIS A 270 23.38 23.16 3.06
C HIS A 270 23.74 21.73 3.45
N ASP A 271 24.76 21.20 2.79
CA ASP A 271 25.24 19.85 3.03
C ASP A 271 25.96 19.78 4.39
N ASP A 272 26.65 20.86 4.72
CA ASP A 272 27.39 20.95 5.99
C ASP A 272 26.44 21.48 7.06
N PHE A 273 25.69 20.56 7.64
CA PHE A 273 24.70 20.86 8.66
C PHE A 273 24.90 19.92 9.84
N ASP A 274 24.74 20.41 11.06
CA ASP A 274 24.88 19.55 12.23
C ASP A 274 24.46 20.26 13.52
N PHE A 275 24.38 19.49 14.60
CA PHE A 275 23.99 20.03 15.90
C PHE A 275 25.17 19.82 16.85
N MSE A 276 25.21 20.57 17.94
CA MSE A 276 26.29 20.43 18.89
C MSE A 276 26.01 19.32 19.90
O MSE A 276 26.94 18.69 20.43
CB MSE A 276 26.53 21.75 19.63
CG MSE A 276 26.89 22.90 18.70
SE MSE A 276 27.36 24.50 19.66
CE MSE A 276 29.29 24.41 19.53
N PHE A 277 24.73 19.09 20.18
CA PHE A 277 24.33 18.05 21.12
C PHE A 277 24.50 16.66 20.51
N ASP A 278 24.54 15.65 21.36
CA ASP A 278 24.70 14.26 20.92
C ASP A 278 23.42 13.71 20.30
N ASP A 279 23.55 12.58 19.61
CA ASP A 279 22.42 11.94 18.97
C ASP A 279 21.35 11.47 19.95
N ASN A 280 21.73 11.23 21.21
CA ASN A 280 20.76 10.81 22.22
C ASN A 280 20.10 12.03 22.86
N VAL A 281 20.15 13.15 22.15
CA VAL A 281 19.54 14.39 22.62
C VAL A 281 18.05 14.16 22.90
N GLU A 282 17.58 14.64 24.04
CA GLU A 282 16.18 14.45 24.43
C GLU A 282 15.22 15.40 23.72
N ASN A 283 13.97 14.95 23.54
CA ASN A 283 12.96 15.79 22.94
C ASN A 283 12.63 16.83 23.99
N PHE A 284 12.27 18.02 23.55
CA PHE A 284 11.96 19.14 24.44
C PHE A 284 13.16 19.58 25.26
N THR A 285 14.34 19.52 24.67
CA THR A 285 15.55 19.98 25.36
C THR A 285 15.52 21.50 25.13
N SER A 286 15.49 22.26 26.20
CA SER A 286 15.43 23.72 26.11
C SER A 286 16.76 24.41 25.94
N PHE A 287 16.70 25.67 25.56
CA PHE A 287 17.89 26.48 25.36
C PHE A 287 17.63 27.86 25.93
N VAL A 288 18.71 28.64 26.10
CA VAL A 288 18.58 30.00 26.61
C VAL A 288 18.68 30.89 25.39
N HIS A 289 18.14 32.10 25.47
CA HIS A 289 18.20 33.01 24.33
C HIS A 289 19.62 33.21 23.82
N GLY A 290 19.78 33.08 22.50
CA GLY A 290 21.08 33.27 21.88
C GLY A 290 22.04 32.11 22.00
N GLU A 291 21.60 31.01 22.60
CA GLU A 291 22.48 29.85 22.72
C GLU A 291 22.60 29.15 21.37
N VAL A 292 23.82 28.82 20.98
CA VAL A 292 24.05 28.13 19.72
C VAL A 292 23.97 26.63 19.98
N PHE A 293 23.28 25.91 19.12
CA PHE A 293 23.15 24.47 19.32
C PHE A 293 23.43 23.70 18.03
N GLY A 294 23.82 24.42 16.99
CA GLY A 294 24.12 23.77 15.73
C GLY A 294 24.54 24.79 14.69
N HIS A 295 24.57 24.37 13.44
CA HIS A 295 24.95 25.28 12.36
C HIS A 295 24.50 24.72 11.02
N ASP A 296 24.17 25.63 10.11
CA ASP A 296 23.73 25.26 8.77
C ASP A 296 24.65 26.03 7.83
N GLY A 297 25.63 25.33 7.27
CA GLY A 297 26.58 26.00 6.39
C GLY A 297 27.44 26.89 7.24
N ASP A 298 27.28 28.21 7.08
CA ASP A 298 28.07 29.17 7.86
C ASP A 298 27.21 29.75 8.98
N LYS A 299 25.95 30.02 8.65
CA LYS A 299 25.00 30.60 9.59
C LYS A 299 24.67 29.59 10.69
N PRO A 300 25.02 29.90 11.95
CA PRO A 300 24.75 29.01 13.08
C PRO A 300 23.29 28.97 13.52
N LEU A 301 22.95 27.95 14.31
CA LEU A 301 21.60 27.79 14.83
C LEU A 301 21.58 28.20 16.30
N MSE A 302 20.73 29.15 16.65
CA MSE A 302 20.62 29.60 18.04
C MSE A 302 19.18 29.90 18.41
O MSE A 302 18.39 30.32 17.55
CB MSE A 302 21.48 30.84 18.28
CG MSE A 302 21.16 32.03 17.39
SE MSE A 302 22.05 33.68 17.97
CE MSE A 302 20.54 34.88 17.85
N ALA A 303 18.85 29.71 19.67
CA ALA A 303 17.49 29.98 20.15
C ALA A 303 17.15 31.45 19.95
N LYS A 304 15.89 31.72 19.60
CA LYS A 304 15.42 33.08 19.38
C LYS A 304 14.87 33.65 20.68
N ASN A 305 13.84 33.00 21.21
CA ASN A 305 13.24 33.44 22.48
C ASN A 305 14.07 32.87 23.61
N ASP A 306 13.49 32.82 24.80
CA ASP A 306 14.19 32.30 25.96
C ASP A 306 13.46 31.04 26.44
N ASN A 307 12.31 30.78 25.82
CA ASN A 307 11.49 29.63 26.18
C ASN A 307 11.37 28.56 25.09
N GLU A 308 12.33 28.50 24.18
CA GLU A 308 12.31 27.52 23.11
C GLU A 308 12.93 26.19 23.51
N ALA A 309 12.40 25.11 22.94
CA ALA A 309 12.90 23.78 23.19
C ALA A 309 12.91 23.10 21.84
N ILE A 310 13.81 22.16 21.64
CA ILE A 310 13.89 21.48 20.36
C ILE A 310 13.12 20.16 20.43
N VAL A 311 12.39 19.84 19.36
CA VAL A 311 11.62 18.60 19.27
C VAL A 311 11.84 17.89 17.93
N PHE A 312 11.97 16.57 17.95
CA PHE A 312 12.17 15.80 16.72
C PHE A 312 13.42 16.23 15.94
N PRO A 313 14.60 16.17 16.56
CA PRO A 313 15.80 16.58 15.82
C PRO A 313 16.26 15.45 14.90
N ASN A 314 16.73 15.79 13.71
CA ASN A 314 17.21 14.78 12.77
C ASN A 314 18.21 15.40 11.80
N ARG A 315 19.50 15.13 12.02
CA ARG A 315 20.56 15.67 11.19
C ARG A 315 20.76 14.94 9.86
N HIS A 316 20.13 13.77 9.72
CA HIS A 316 20.25 13.00 8.49
C HIS A 316 19.23 13.43 7.44
N VAL A 317 18.26 14.22 7.88
CA VAL A 317 17.21 14.74 7.01
C VAL A 317 17.80 15.28 5.71
N ALA A 318 17.26 14.83 4.59
CA ALA A 318 17.74 15.27 3.29
C ALA A 318 17.66 16.79 3.15
N ILE A 319 18.40 17.33 2.19
CA ILE A 319 18.43 18.75 1.93
C ILE A 319 17.04 19.31 1.63
N GLY A 320 16.73 20.49 2.17
CA GLY A 320 15.44 21.10 1.92
C GLY A 320 14.30 20.67 2.81
N GLN A 321 14.47 19.57 3.55
CA GLN A 321 13.42 19.09 4.45
C GLN A 321 13.66 19.68 5.84
N ARG A 322 12.72 19.48 6.77
CA ARG A 322 12.89 20.04 8.10
C ARG A 322 13.76 19.13 8.97
N ALA A 323 14.68 19.75 9.70
CA ALA A 323 15.59 19.03 10.57
C ALA A 323 15.17 19.08 12.04
N ALA A 324 14.30 20.02 12.38
CA ALA A 324 13.84 20.15 13.76
C ALA A 324 12.69 21.13 13.95
N LEU A 325 12.09 21.03 15.13
CA LEU A 325 10.98 21.89 15.51
C LEU A 325 11.44 22.62 16.77
N MSE A 326 11.15 23.91 16.84
CA MSE A 326 11.49 24.68 18.04
C MSE A 326 10.11 25.03 18.58
O MSE A 326 9.30 25.63 17.90
CB MSE A 326 12.26 25.95 17.67
CG MSE A 326 13.63 25.71 17.05
SE MSE A 326 14.82 24.81 18.27
CE MSE A 326 15.58 26.36 19.14
N VAL A 327 9.86 24.63 19.81
CA VAL A 327 8.56 24.88 20.42
C VAL A 327 8.66 25.62 21.74
N CYS A 328 7.52 26.10 22.21
CA CYS A 328 7.44 26.84 23.46
C CYS A 328 6.02 26.78 23.98
N GLU A 329 5.87 26.81 25.30
CA GLU A 329 4.53 26.78 25.88
C GLU A 329 3.70 27.91 25.29
N VAL A 330 2.39 27.71 25.20
CA VAL A 330 1.57 28.75 24.67
C VAL A 330 0.32 29.03 25.50
N LYS A 331 -0.13 30.28 25.44
CA LYS A 331 -1.30 30.70 26.17
C LYS A 331 -2.48 30.25 25.32
N THR A 332 -3.28 29.35 25.87
CA THR A 332 -4.40 28.80 25.14
C THR A 332 -5.78 29.06 25.74
N ARG A 333 -6.80 28.72 24.96
CA ARG A 333 -8.18 28.89 25.36
C ARG A 333 -9.04 28.15 24.36
N PHE A 334 -10.34 28.06 24.62
CA PHE A 334 -11.28 27.41 23.73
C PHE A 334 -12.15 28.46 23.05
N GLU A 335 -12.07 28.54 21.74
CA GLU A 335 -12.89 29.47 20.98
C GLU A 335 -13.80 28.63 20.10
N GLU A 336 -15.10 28.68 20.40
CA GLU A 336 -16.10 27.92 19.63
C GLU A 336 -15.81 26.42 19.64
N GLY A 337 -15.33 25.92 20.77
CA GLY A 337 -15.04 24.50 20.89
C GLY A 337 -13.71 24.06 20.29
N GLU A 338 -12.89 25.03 19.89
CA GLU A 338 -11.59 24.76 19.28
C GLU A 338 -10.48 25.33 20.16
N LEU A 339 -9.45 24.54 20.41
CA LEU A 339 -8.35 25.02 21.24
C LEU A 339 -7.40 25.85 20.37
N VAL A 340 -7.34 27.14 20.64
CA VAL A 340 -6.48 28.05 19.89
C VAL A 340 -5.51 28.75 20.85
N TYR A 341 -4.49 29.39 20.29
CA TYR A 341 -3.54 30.11 21.15
C TYR A 341 -3.38 31.58 20.79
N ASP A 342 -2.89 32.35 21.77
CA ASP A 342 -2.68 33.79 21.66
C ASP A 342 -4.01 34.55 21.75
N SER B 4 3.24 -30.74 -2.62
CA SER B 4 2.85 -29.68 -3.60
C SER B 4 3.02 -28.31 -2.98
N LEU B 5 2.78 -27.27 -3.79
CA LEU B 5 2.92 -25.90 -3.34
C LEU B 5 1.53 -25.29 -3.11
N PHE B 6 0.52 -25.90 -3.72
CA PHE B 6 -0.85 -25.43 -3.60
C PHE B 6 -1.76 -26.48 -2.98
N ARG B 7 -3.05 -26.14 -2.86
CA ARG B 7 -4.03 -27.06 -2.30
C ARG B 7 -4.77 -27.74 -3.44
N GLN B 8 -4.97 -27.00 -4.53
CA GLN B 8 -5.67 -27.55 -5.68
C GLN B 8 -5.07 -27.03 -6.97
N SER B 9 -4.72 -25.75 -7.00
CA SER B 9 -4.14 -25.14 -8.18
C SER B 9 -3.70 -23.71 -7.88
N PHE B 10 -3.00 -23.10 -8.82
CA PHE B 10 -2.55 -21.72 -8.64
C PHE B 10 -3.74 -20.79 -8.69
N LEU B 11 -4.60 -20.99 -9.68
CA LEU B 11 -5.79 -20.16 -9.82
C LEU B 11 -6.81 -20.44 -8.73
N THR B 12 -7.03 -21.71 -8.42
CA THR B 12 -7.99 -22.09 -7.40
C THR B 12 -7.65 -21.52 -6.02
N ASP B 13 -6.39 -21.63 -5.62
CA ASP B 13 -5.96 -21.11 -4.33
C ASP B 13 -6.02 -19.58 -4.31
N THR B 14 -5.63 -18.97 -5.41
CA THR B 14 -5.64 -17.52 -5.52
C THR B 14 -7.05 -16.97 -5.32
N LEU B 15 -8.03 -17.69 -5.83
CA LEU B 15 -9.43 -17.28 -5.72
C LEU B 15 -10.14 -17.75 -4.44
N ASP B 16 -9.41 -18.47 -3.60
CA ASP B 16 -9.97 -18.96 -2.35
C ASP B 16 -9.54 -17.96 -1.26
N VAL B 17 -10.45 -17.07 -0.89
CA VAL B 17 -10.15 -16.04 0.11
C VAL B 17 -9.85 -16.54 1.52
N HIS B 18 -9.88 -17.86 1.73
CA HIS B 18 -9.61 -18.40 3.06
C HIS B 18 -8.32 -19.20 3.17
N ILE B 19 -7.46 -19.12 2.16
CA ILE B 19 -6.20 -19.85 2.20
C ILE B 19 -5.07 -18.95 2.68
N VAL B 21 -2.05 -17.78 3.38
CA VAL B 21 -1.21 -17.39 2.26
C VAL B 21 0.14 -16.84 2.74
N ALA B 22 1.02 -17.75 3.13
CA ALA B 22 2.35 -17.37 3.61
C ALA B 22 3.40 -17.72 2.56
N PRO B 23 4.55 -17.03 2.59
CA PRO B 23 5.61 -17.32 1.61
C PRO B 23 6.03 -18.79 1.68
N ALA B 24 6.08 -19.43 0.52
CA ALA B 24 6.47 -20.84 0.45
C ALA B 24 7.31 -21.11 -0.79
N GLU B 25 8.31 -21.97 -0.65
CA GLU B 25 9.19 -22.32 -1.76
C GLU B 25 9.25 -23.83 -1.92
N GLN B 26 9.71 -24.28 -3.08
CA GLN B 26 9.81 -25.71 -3.33
C GLN B 26 10.81 -26.01 -4.45
N VAL B 27 11.70 -26.96 -4.19
CA VAL B 27 12.69 -27.36 -5.17
C VAL B 27 12.13 -28.61 -5.84
N LEU B 28 12.10 -28.60 -7.16
CA LEU B 28 11.57 -29.72 -7.94
C LEU B 28 12.67 -30.65 -8.43
N SER B 29 12.27 -31.82 -8.93
CA SER B 29 13.22 -32.80 -9.45
C SER B 29 14.03 -32.21 -10.60
N ASN B 30 13.34 -31.53 -11.50
CA ASN B 30 13.97 -30.91 -12.66
C ASN B 30 14.97 -29.83 -12.28
N GLY B 31 15.08 -29.57 -10.98
CA GLY B 31 16.00 -28.54 -10.51
C GLY B 31 15.36 -27.17 -10.61
N VAL B 32 14.05 -27.15 -10.82
CA VAL B 32 13.30 -25.90 -10.93
C VAL B 32 12.89 -25.40 -9.54
N GLN B 33 12.82 -24.08 -9.40
CA GLN B 33 12.44 -23.44 -8.14
C GLN B 33 11.07 -22.76 -8.22
N LEU B 34 10.15 -23.20 -7.36
CA LEU B 34 8.82 -22.62 -7.29
C LEU B 34 8.82 -21.68 -6.09
N LYS B 35 8.47 -20.42 -6.30
CA LYS B 35 8.48 -19.45 -5.22
C LYS B 35 7.18 -18.64 -5.13
N LEU B 36 6.31 -19.01 -4.20
CA LEU B 36 5.05 -18.29 -4.00
C LEU B 36 5.31 -17.20 -2.98
N TYR B 37 5.39 -15.96 -3.44
CA TYR B 37 5.65 -14.84 -2.54
C TYR B 37 4.43 -14.43 -1.74
N GLN B 38 3.26 -14.44 -2.39
CA GLN B 38 2.02 -14.05 -1.75
C GLN B 38 0.84 -14.49 -2.62
N ARG B 39 -0.36 -14.10 -2.21
CA ARG B 39 -1.58 -14.45 -2.96
C ARG B 39 -1.47 -14.03 -4.42
N GLY B 40 -1.49 -15.00 -5.32
CA GLY B 40 -1.42 -14.71 -6.74
C GLY B 40 -0.07 -14.33 -7.30
N VAL B 41 1.01 -14.66 -6.59
CA VAL B 41 2.35 -14.33 -7.07
C VAL B 41 3.28 -15.54 -6.99
N LEU B 42 3.51 -16.16 -8.14
CA LEU B 42 4.36 -17.34 -8.23
C LEU B 42 5.56 -17.15 -9.17
N GLU B 43 6.76 -17.26 -8.61
CA GLU B 43 7.98 -17.11 -9.40
C GLU B 43 8.54 -18.50 -9.72
N VAL B 44 9.07 -18.65 -10.94
CA VAL B 44 9.64 -19.92 -11.36
C VAL B 44 11.08 -19.73 -11.84
N ILE B 45 12.02 -20.40 -11.16
CA ILE B 45 13.44 -20.31 -11.49
C ILE B 45 13.94 -21.63 -12.07
N PRO B 46 14.60 -21.59 -13.24
CA PRO B 46 15.12 -22.82 -13.85
C PRO B 46 16.28 -23.43 -13.08
N GLU B 47 16.80 -24.55 -13.56
CA GLU B 47 17.90 -25.24 -12.88
C GLU B 47 19.24 -24.52 -12.98
N ASN B 48 19.68 -24.25 -14.20
CA ASN B 48 20.95 -23.58 -14.42
C ASN B 48 20.78 -22.17 -15.00
N PRO B 49 20.43 -21.20 -14.14
CA PRO B 49 20.24 -19.82 -14.59
C PRO B 49 21.51 -19.26 -15.22
N THR B 50 21.42 -18.91 -16.50
CA THR B 50 22.55 -18.38 -17.23
C THR B 50 22.50 -16.85 -17.25
N GLN B 51 23.10 -16.28 -18.28
CA GLN B 51 23.13 -14.82 -18.43
C GLN B 51 22.21 -14.43 -19.59
N GLU B 52 21.89 -15.40 -20.42
CA GLU B 52 21.03 -15.18 -21.57
C GLU B 52 19.57 -15.49 -21.22
N THR B 53 19.39 -16.27 -20.17
CA THR B 53 18.06 -16.66 -19.71
C THR B 53 17.12 -15.48 -19.54
N LYS B 54 15.94 -15.58 -20.16
CA LYS B 54 14.94 -14.52 -20.10
C LYS B 54 14.23 -14.37 -18.74
N ASN B 55 13.89 -13.12 -18.41
CA ASN B 55 13.16 -12.79 -17.19
C ASN B 55 11.78 -12.38 -17.65
N ILE B 56 10.84 -13.31 -17.54
CA ILE B 56 9.49 -13.07 -18.02
C ILE B 56 8.39 -12.92 -16.98
N ILE B 57 7.72 -11.78 -17.03
CA ILE B 57 6.60 -11.52 -16.15
C ILE B 57 5.37 -11.92 -16.93
N ILE B 58 4.65 -12.93 -16.45
CA ILE B 58 3.43 -13.36 -17.12
C ILE B 58 2.32 -12.95 -16.18
N SER B 59 1.65 -11.86 -16.51
CA SER B 59 0.57 -11.38 -15.65
C SER B 59 -0.79 -11.49 -16.31
N CYS B 60 -1.81 -11.71 -15.50
CA CYS B 60 -3.18 -11.80 -16.01
C CYS B 60 -4.13 -11.41 -14.90
N GLY B 61 -5.39 -11.17 -15.24
CA GLY B 61 -6.36 -10.81 -14.22
C GLY B 61 -6.34 -9.35 -13.80
N ILE B 62 -5.62 -8.50 -14.53
CA ILE B 62 -5.58 -7.06 -14.21
C ILE B 62 -7.03 -6.59 -14.18
N HIS B 63 -7.81 -7.16 -15.09
CA HIS B 63 -9.25 -6.91 -15.21
C HIS B 63 -9.84 -8.26 -14.84
N GLY B 64 -10.30 -8.33 -13.60
CA GLY B 64 -10.84 -9.55 -13.04
C GLY B 64 -11.64 -10.54 -13.86
N ASP B 65 -12.50 -10.04 -14.75
CA ASP B 65 -13.32 -10.92 -15.57
C ASP B 65 -12.68 -11.42 -16.87
N GLU B 66 -11.43 -11.04 -17.11
CA GLU B 66 -10.68 -11.49 -18.29
C GLU B 66 -10.04 -12.80 -17.87
N THR B 67 -10.85 -13.80 -17.56
CA THR B 67 -10.35 -15.08 -17.07
C THR B 67 -9.65 -16.09 -17.99
N ALA B 68 -9.95 -16.07 -19.29
CA ALA B 68 -9.33 -17.03 -20.21
C ALA B 68 -7.81 -17.23 -19.99
N PRO B 69 -7.02 -16.14 -20.02
CA PRO B 69 -5.57 -16.26 -19.82
C PRO B 69 -5.22 -16.86 -18.47
N MSE B 70 -6.10 -16.69 -17.49
CA MSE B 70 -5.89 -17.22 -16.15
C MSE B 70 -5.91 -18.75 -16.18
O MSE B 70 -5.19 -19.42 -15.43
CB MSE B 70 -6.95 -16.70 -15.19
CG MSE B 70 -7.07 -15.17 -15.13
SE MSE B 70 -8.47 -14.55 -13.94
CE MSE B 70 -7.58 -14.84 -12.26
N GLU B 71 -6.75 -19.32 -17.04
CA GLU B 71 -6.85 -20.77 -17.15
C GLU B 71 -5.62 -21.31 -17.89
N LEU B 72 -5.13 -20.55 -18.87
CA LEU B 72 -3.96 -20.97 -19.62
C LEU B 72 -2.77 -21.00 -18.65
N VAL B 73 -2.58 -19.89 -17.95
CA VAL B 73 -1.50 -19.79 -16.98
C VAL B 73 -1.58 -20.91 -15.96
N ASP B 74 -2.77 -21.08 -15.39
CA ASP B 74 -3.00 -22.10 -14.38
C ASP B 74 -2.70 -23.53 -14.82
N SER B 75 -2.86 -23.82 -16.11
CA SER B 75 -2.58 -25.15 -16.61
C SER B 75 -1.06 -25.32 -16.82
N ILE B 76 -0.40 -24.22 -17.15
CA ILE B 76 1.04 -24.22 -17.36
C ILE B 76 1.72 -24.54 -16.04
N ILE B 77 1.21 -23.93 -14.97
CA ILE B 77 1.76 -24.12 -13.64
C ILE B 77 1.69 -25.58 -13.21
N LYS B 78 0.56 -26.24 -13.48
CA LYS B 78 0.41 -27.63 -13.11
C LYS B 78 1.47 -28.48 -13.81
N ASP B 79 1.66 -28.23 -15.10
CA ASP B 79 2.63 -28.98 -15.88
C ASP B 79 4.07 -28.69 -15.46
N ILE B 80 4.30 -27.53 -14.87
CA ILE B 80 5.63 -27.17 -14.42
C ILE B 80 5.86 -27.92 -13.11
N GLU B 81 4.80 -28.03 -12.32
CA GLU B 81 4.87 -28.71 -11.03
C GLU B 81 5.11 -30.21 -11.23
N SER B 82 4.39 -30.80 -12.17
CA SER B 82 4.52 -32.23 -12.46
C SER B 82 5.78 -32.55 -13.24
N GLY B 83 5.97 -31.90 -14.39
CA GLY B 83 7.17 -32.15 -15.17
C GLY B 83 6.97 -32.04 -16.67
N PHE B 84 5.73 -32.15 -17.13
CA PHE B 84 5.45 -32.07 -18.55
C PHE B 84 5.93 -30.75 -19.16
N GLN B 85 5.95 -29.70 -18.36
CA GLN B 85 6.39 -28.39 -18.84
C GLN B 85 7.84 -28.11 -18.47
N LYS B 86 8.66 -27.85 -19.50
CA LYS B 86 10.08 -27.56 -19.32
C LYS B 86 10.30 -26.08 -19.03
N VAL B 87 11.06 -25.82 -17.97
CA VAL B 87 11.36 -24.45 -17.57
C VAL B 87 12.78 -24.07 -17.97
N ASP B 88 12.90 -23.18 -18.95
CA ASP B 88 14.19 -22.74 -19.43
C ASP B 88 14.40 -21.27 -19.09
N ALA B 89 13.29 -20.52 -19.03
CA ALA B 89 13.34 -19.10 -18.71
C ALA B 89 12.81 -18.81 -17.30
N ARG B 90 13.32 -17.74 -16.70
CA ARG B 90 12.87 -17.35 -15.37
C ARG B 90 11.52 -16.64 -15.51
N CYS B 91 10.55 -17.02 -14.70
CA CYS B 91 9.22 -16.44 -14.79
C CYS B 91 8.61 -15.92 -13.49
N LEU B 92 7.65 -15.03 -13.65
CA LEU B 92 6.91 -14.44 -12.53
C LEU B 92 5.45 -14.44 -12.98
N PHE B 93 4.65 -15.37 -12.47
CA PHE B 93 3.24 -15.42 -12.85
C PHE B 93 2.42 -14.60 -11.85
N ILE B 94 1.57 -13.72 -12.36
CA ILE B 94 0.75 -12.88 -11.49
C ILE B 94 -0.73 -12.86 -11.82
N ILE B 95 -1.54 -13.14 -10.80
CA ILE B 95 -3.00 -13.06 -10.91
C ILE B 95 -3.20 -11.76 -10.15
N ALA B 96 -3.45 -10.69 -10.88
CA ALA B 96 -3.54 -9.35 -10.30
C ALA B 96 -4.71 -8.88 -9.44
N HIS B 97 -5.93 -9.28 -9.76
CA HIS B 97 -7.08 -8.80 -9.01
C HIS B 97 -8.10 -9.91 -8.72
N PRO B 98 -7.71 -10.92 -7.92
CA PRO B 98 -8.62 -12.02 -7.60
C PRO B 98 -9.98 -11.61 -7.03
N GLU B 99 -10.01 -10.54 -6.23
CA GLU B 99 -11.26 -10.09 -5.67
C GLU B 99 -12.24 -9.61 -6.74
N SER B 100 -11.73 -9.02 -7.81
CA SER B 100 -12.61 -8.54 -8.86
C SER B 100 -13.07 -9.72 -9.70
N THR B 101 -12.20 -10.72 -9.80
CA THR B 101 -12.55 -11.92 -10.56
C THR B 101 -13.73 -12.59 -9.85
N LEU B 102 -13.67 -12.65 -8.52
CA LEU B 102 -14.74 -13.28 -7.75
C LEU B 102 -16.04 -12.50 -7.86
N ALA B 103 -15.94 -11.23 -8.24
CA ALA B 103 -17.12 -10.38 -8.40
C ALA B 103 -17.54 -10.34 -9.88
N HIS B 104 -16.90 -11.17 -10.69
CA HIS B 104 -17.20 -11.26 -12.12
C HIS B 104 -17.22 -9.88 -12.77
N THR B 105 -16.39 -8.99 -12.28
CA THR B 105 -16.35 -7.64 -12.81
C THR B 105 -14.97 -7.24 -13.30
N ARG B 106 -14.91 -6.17 -14.08
CA ARG B 106 -13.66 -5.66 -14.62
C ARG B 106 -12.83 -5.04 -13.49
N PHE B 107 -13.49 -4.25 -12.64
CA PHE B 107 -12.83 -3.61 -11.52
C PHE B 107 -13.86 -3.30 -10.43
N LEU B 108 -13.39 -3.05 -9.21
CA LEU B 108 -14.29 -2.76 -8.09
C LEU B 108 -14.52 -1.27 -7.88
N GLU B 109 -13.47 -0.48 -7.96
CA GLU B 109 -13.61 0.94 -7.74
C GLU B 109 -13.09 1.74 -8.93
N GLU B 110 -11.94 1.35 -9.44
CA GLU B 110 -11.37 2.01 -10.59
C GLU B 110 -10.58 1.01 -11.44
N ASN B 111 -10.55 1.26 -12.75
CA ASN B 111 -9.85 0.42 -13.70
C ASN B 111 -8.37 0.35 -13.31
N LEU B 112 -7.93 -0.84 -12.91
CA LEU B 112 -6.54 -1.04 -12.48
C LEU B 112 -5.49 -0.73 -13.54
N ASN B 113 -5.84 -0.92 -14.81
CA ASN B 113 -4.87 -0.71 -15.88
C ASN B 113 -4.66 0.74 -16.33
N ARG B 114 -5.06 1.70 -15.49
CA ARG B 114 -4.87 3.11 -15.80
C ARG B 114 -4.33 3.81 -14.56
N LEU B 115 -3.71 3.03 -13.69
CA LEU B 115 -3.18 3.54 -12.43
C LEU B 115 -1.67 3.46 -12.29
N PHE B 116 -0.99 3.05 -13.35
CA PHE B 116 0.46 2.93 -13.28
C PHE B 116 1.27 4.15 -13.70
N ASP B 117 0.60 5.23 -14.08
CA ASP B 117 1.30 6.43 -14.51
C ASP B 117 1.72 7.30 -13.34
N GLU B 118 2.39 8.41 -13.63
CA GLU B 118 2.85 9.30 -12.59
C GLU B 118 2.01 10.55 -12.38
N LYS B 119 0.70 10.36 -12.32
CA LYS B 119 -0.23 11.46 -12.07
C LYS B 119 -0.92 11.10 -10.76
N GLU B 120 -1.57 12.06 -10.13
CA GLU B 120 -2.24 11.80 -8.86
C GLU B 120 -3.50 10.96 -9.06
N HIS B 121 -3.71 9.99 -8.18
CA HIS B 121 -4.87 9.13 -8.26
C HIS B 121 -5.61 9.13 -6.93
N GLU B 122 -6.90 8.87 -6.98
CA GLU B 122 -7.72 8.80 -5.78
C GLU B 122 -7.47 7.47 -5.08
N PRO B 123 -7.54 7.46 -3.74
CA PRO B 123 -7.32 6.22 -2.99
C PRO B 123 -8.39 5.18 -3.28
N THR B 124 -8.00 4.11 -3.97
CA THR B 124 -8.93 3.02 -4.29
C THR B 124 -8.28 1.70 -4.00
N LYS B 125 -9.05 0.61 -4.08
CA LYS B 125 -8.50 -0.72 -3.86
C LYS B 125 -7.51 -1.01 -4.98
N GLU B 126 -7.87 -0.65 -6.20
CA GLU B 126 -7.01 -0.91 -7.34
C GLU B 126 -5.67 -0.15 -7.26
N LEU B 127 -5.67 1.03 -6.64
CA LEU B 127 -4.44 1.79 -6.52
C LEU B 127 -3.44 1.08 -5.60
N ALA B 128 -3.94 0.48 -4.52
CA ALA B 128 -3.08 -0.23 -3.59
C ALA B 128 -2.47 -1.43 -4.28
N ILE B 129 -3.25 -2.06 -5.15
CA ILE B 129 -2.76 -3.22 -5.90
C ILE B 129 -1.71 -2.77 -6.91
N ALA B 130 -1.93 -1.62 -7.53
CA ALA B 130 -0.95 -1.14 -8.51
C ALA B 130 0.39 -0.87 -7.82
N ASP B 131 0.36 -0.26 -6.63
CA ASP B 131 1.59 0.02 -5.91
C ASP B 131 2.32 -1.26 -5.51
N THR B 132 1.59 -2.33 -5.28
CA THR B 132 2.21 -3.61 -4.92
C THR B 132 2.81 -4.24 -6.17
N LEU B 133 2.09 -4.16 -7.27
CA LEU B 133 2.55 -4.73 -8.54
C LEU B 133 3.85 -4.05 -8.98
N LYS B 134 3.98 -2.75 -8.73
CA LYS B 134 5.20 -2.03 -9.08
C LYS B 134 6.39 -2.61 -8.33
N LEU B 135 6.16 -3.04 -7.08
CA LEU B 135 7.23 -3.62 -6.28
C LEU B 135 7.60 -4.99 -6.82
N LEU B 136 6.61 -5.76 -7.25
CA LEU B 136 6.87 -7.08 -7.79
C LEU B 136 7.77 -6.97 -9.01
N VAL B 137 7.42 -6.04 -9.90
CA VAL B 137 8.19 -5.78 -11.11
C VAL B 137 9.62 -5.40 -10.77
N ARG B 138 9.77 -4.49 -9.82
CA ARG B 138 11.08 -4.02 -9.37
C ARG B 138 11.92 -5.13 -8.76
N ASP B 139 11.32 -5.92 -7.87
CA ASP B 139 12.04 -7.01 -7.23
C ASP B 139 12.39 -8.11 -8.24
N PHE B 140 11.58 -8.23 -9.28
CA PHE B 140 11.84 -9.27 -10.26
C PHE B 140 12.94 -8.90 -11.24
N TYR B 141 12.98 -7.64 -11.66
CA TYR B 141 13.99 -7.19 -12.61
C TYR B 141 15.31 -6.71 -12.02
N GLN B 142 15.40 -6.62 -10.70
CA GLN B 142 16.65 -6.16 -10.10
C GLN B 142 17.76 -7.17 -10.39
N ASP B 143 18.97 -6.67 -10.61
CA ASP B 143 20.12 -7.52 -10.91
C ASP B 143 19.91 -8.37 -12.17
N THR B 144 19.27 -7.79 -13.20
CA THR B 144 19.06 -8.48 -14.46
C THR B 144 19.44 -7.51 -15.56
N GLU B 145 19.83 -8.02 -16.72
CA GLU B 145 20.19 -7.14 -17.83
C GLU B 145 18.88 -6.82 -18.55
N PRO B 146 18.71 -5.57 -19.01
CA PRO B 146 17.51 -5.14 -19.72
C PRO B 146 17.05 -6.05 -20.85
N LYS B 147 17.98 -6.40 -21.74
CA LYS B 147 17.67 -7.24 -22.90
C LYS B 147 16.98 -8.57 -22.58
N THR B 148 17.01 -8.98 -21.32
CA THR B 148 16.39 -10.25 -20.91
C THR B 148 14.99 -10.05 -20.34
N ARG B 149 14.61 -8.81 -20.10
CA ARG B 149 13.32 -8.48 -19.50
C ARG B 149 12.10 -8.49 -20.42
N TRP B 150 11.16 -9.39 -20.10
CA TRP B 150 9.92 -9.53 -20.86
C TRP B 150 8.72 -9.34 -19.93
N HIS B 151 7.67 -8.71 -20.44
CA HIS B 151 6.45 -8.54 -19.66
C HIS B 151 5.22 -8.78 -20.50
N LEU B 152 4.62 -9.96 -20.35
CA LEU B 152 3.43 -10.31 -21.09
C LEU B 152 2.18 -10.16 -20.22
N ASP B 153 1.43 -9.09 -20.45
CA ASP B 153 0.21 -8.86 -19.67
C ASP B 153 -0.99 -9.36 -20.47
N LEU B 154 -1.50 -10.53 -20.08
CA LEU B 154 -2.62 -11.18 -20.76
C LEU B 154 -4.04 -10.68 -20.41
N HIS B 155 -4.75 -10.18 -21.43
CA HIS B 155 -6.10 -9.67 -21.26
C HIS B 155 -7.13 -10.34 -22.16
N CYS B 156 -8.33 -9.78 -22.16
CA CYS B 156 -9.45 -10.24 -22.97
C CYS B 156 -10.25 -9.00 -23.38
N ALA B 157 -10.76 -8.98 -24.61
CA ALA B 157 -11.52 -7.83 -25.11
C ALA B 157 -12.97 -7.93 -24.66
N ILE B 158 -13.60 -6.77 -24.46
CA ILE B 158 -15.00 -6.74 -24.05
C ILE B 158 -15.92 -6.57 -25.24
N ARG B 159 -15.34 -6.64 -26.44
CA ARG B 159 -16.11 -6.50 -27.68
C ARG B 159 -15.57 -7.44 -28.75
N GLY B 160 -16.35 -7.68 -29.79
CA GLY B 160 -15.91 -8.54 -30.86
C GLY B 160 -15.02 -7.75 -31.80
N SER B 161 -14.40 -8.43 -32.77
CA SER B 161 -13.53 -7.75 -33.73
C SER B 161 -13.09 -8.73 -34.80
N LYS B 162 -12.45 -8.23 -35.85
CA LYS B 162 -11.97 -9.10 -36.90
C LYS B 162 -10.82 -9.94 -36.37
N HIS B 163 -9.97 -9.31 -35.55
CA HIS B 163 -8.82 -9.98 -34.96
C HIS B 163 -9.16 -10.55 -33.59
N TYR B 164 -9.35 -11.87 -33.54
CA TYR B 164 -9.68 -12.54 -32.29
C TYR B 164 -8.61 -12.28 -31.22
N THR B 165 -7.36 -12.19 -31.65
CA THR B 165 -6.25 -11.93 -30.76
C THR B 165 -5.39 -10.81 -31.33
N PHE B 166 -4.96 -9.88 -30.47
CA PHE B 166 -4.13 -8.76 -30.92
C PHE B 166 -3.51 -8.04 -29.73
N ALA B 167 -2.23 -7.74 -29.83
CA ALA B 167 -1.53 -7.07 -28.75
C ALA B 167 -1.36 -5.58 -28.97
N VAL B 168 -0.83 -4.91 -27.96
CA VAL B 168 -0.61 -3.48 -28.01
C VAL B 168 0.73 -3.16 -27.35
N SER B 169 1.73 -2.90 -28.18
CA SER B 169 3.08 -2.57 -27.70
C SER B 169 3.08 -1.12 -27.21
N PRO B 170 3.48 -0.89 -25.94
CA PRO B 170 3.53 0.46 -25.37
C PRO B 170 4.58 1.36 -26.01
N LYS B 171 4.37 2.67 -25.91
CA LYS B 171 5.30 3.63 -26.48
C LYS B 171 6.26 4.18 -25.42
N THR B 172 7.54 3.90 -25.60
CA THR B 172 8.57 4.35 -24.67
C THR B 172 9.87 4.64 -25.44
N ARG B 173 10.72 5.48 -24.88
CA ARG B 173 11.99 5.83 -25.53
C ARG B 173 12.95 4.65 -25.56
N HIS B 174 12.64 3.62 -24.78
CA HIS B 174 13.49 2.42 -24.72
C HIS B 174 13.16 1.48 -25.86
N PRO B 175 14.15 0.71 -26.32
CA PRO B 175 13.94 -0.26 -27.41
C PRO B 175 13.23 -1.51 -26.90
N VAL B 176 11.91 -1.42 -26.77
CA VAL B 176 11.11 -2.55 -26.28
C VAL B 176 10.39 -3.29 -27.40
N ARG B 177 10.48 -2.76 -28.61
CA ARG B 177 9.86 -3.40 -29.78
C ARG B 177 10.97 -4.13 -30.52
N SER B 178 11.57 -5.10 -29.84
CA SER B 178 12.67 -5.86 -30.42
C SER B 178 12.24 -6.83 -31.50
N LYS B 179 13.21 -7.60 -31.99
CA LYS B 179 12.99 -8.58 -33.02
C LYS B 179 12.34 -9.83 -32.44
N ALA B 180 12.92 -10.33 -31.36
CA ALA B 180 12.42 -11.54 -30.71
C ALA B 180 10.97 -11.41 -30.24
N LEU B 181 10.51 -10.19 -29.98
CA LEU B 181 9.13 -9.98 -29.54
C LEU B 181 8.18 -10.14 -30.72
N VAL B 182 8.44 -9.37 -31.77
CA VAL B 182 7.61 -9.42 -32.97
C VAL B 182 7.54 -10.85 -33.47
N ASP B 183 8.65 -11.59 -33.30
CA ASP B 183 8.69 -12.99 -33.73
C ASP B 183 7.73 -13.81 -32.87
N PHE B 184 7.70 -13.51 -31.58
CA PHE B 184 6.80 -14.22 -30.66
C PHE B 184 5.37 -13.96 -31.10
N LEU B 185 5.09 -12.71 -31.43
CA LEU B 185 3.77 -12.30 -31.89
C LEU B 185 3.29 -13.19 -33.03
N ASP B 186 4.17 -13.44 -34.00
CA ASP B 186 3.83 -14.28 -35.15
C ASP B 186 3.66 -15.74 -34.74
N SER B 187 4.66 -16.27 -34.05
CA SER B 187 4.64 -17.67 -33.62
C SER B 187 3.44 -17.97 -32.73
N ALA B 188 2.89 -16.94 -32.09
CA ALA B 188 1.74 -17.12 -31.21
C ALA B 188 0.45 -16.91 -32.01
N HIS B 189 0.60 -16.70 -33.31
CA HIS B 189 -0.53 -16.50 -34.22
C HIS B 189 -1.35 -15.26 -33.91
N ILE B 190 -0.80 -14.38 -33.08
CA ILE B 190 -1.49 -13.15 -32.74
C ILE B 190 -1.69 -12.41 -34.06
N GLU B 191 -2.94 -12.29 -34.47
CA GLU B 191 -3.29 -11.65 -35.73
C GLU B 191 -2.78 -10.24 -35.97
N ALA B 192 -2.86 -9.36 -34.98
CA ALA B 192 -2.38 -7.99 -35.18
C ALA B 192 -1.70 -7.39 -33.96
N VAL B 193 -0.79 -6.46 -34.20
CA VAL B 193 -0.06 -5.78 -33.13
C VAL B 193 -0.20 -4.27 -33.30
N LEU B 194 -0.69 -3.61 -32.26
CA LEU B 194 -0.89 -2.17 -32.29
C LEU B 194 0.32 -1.48 -31.68
N LEU B 195 0.83 -0.45 -32.36
CA LEU B 195 2.00 0.28 -31.88
C LEU B 195 1.63 1.67 -31.37
N SER B 196 1.47 1.80 -30.06
CA SER B 196 1.10 3.08 -29.46
C SER B 196 2.02 4.21 -29.93
N ASN B 197 1.54 5.44 -29.81
CA ASN B 197 2.33 6.60 -30.24
C ASN B 197 2.54 7.62 -29.13
N SER B 198 2.07 7.29 -27.92
CA SER B 198 2.23 8.18 -26.77
C SER B 198 2.27 7.36 -25.48
N PRO B 199 2.90 7.91 -24.42
CA PRO B 199 2.99 7.22 -23.13
C PRO B 199 1.62 6.88 -22.58
N SER B 200 1.51 5.72 -21.93
CA SER B 200 0.25 5.27 -21.36
C SER B 200 0.34 5.17 -19.84
N SER B 201 -0.64 4.50 -19.23
CA SER B 201 -0.66 4.31 -17.79
C SER B 201 -1.00 2.86 -17.44
N THR B 202 -0.72 1.96 -18.37
CA THR B 202 -1.00 0.54 -18.20
C THR B 202 0.15 -0.21 -17.53
N PHE B 203 -0.15 -1.41 -17.05
CA PHE B 203 0.83 -2.26 -16.39
C PHE B 203 1.97 -2.60 -17.37
N SER B 204 1.61 -2.88 -18.61
CA SER B 204 2.60 -3.21 -19.62
C SER B 204 3.50 -2.01 -19.87
N TRP B 205 2.90 -0.84 -20.02
CA TRP B 205 3.65 0.38 -20.25
C TRP B 205 4.62 0.66 -19.11
N TYR B 206 4.19 0.35 -17.89
CA TYR B 206 5.02 0.61 -16.72
C TYR B 206 6.37 -0.12 -16.79
N SER B 207 6.33 -1.38 -17.22
CA SER B 207 7.55 -2.16 -17.29
C SER B 207 8.41 -1.78 -18.50
N ALA B 208 7.78 -1.30 -19.56
CA ALA B 208 8.52 -0.91 -20.76
C ALA B 208 9.24 0.40 -20.49
N GLU B 209 8.50 1.37 -19.96
CA GLU B 209 9.01 2.70 -19.65
C GLU B 209 10.03 2.78 -18.51
N ASN B 210 9.88 1.92 -17.51
CA ASN B 210 10.79 1.97 -16.37
C ASN B 210 11.81 0.85 -16.29
N TYR B 211 11.65 -0.18 -17.12
CA TYR B 211 12.57 -1.29 -17.10
C TYR B 211 12.97 -1.76 -18.49
N SER B 212 12.47 -1.08 -19.52
CA SER B 212 12.79 -1.40 -20.91
C SER B 212 12.43 -2.82 -21.32
N ALA B 213 11.53 -3.45 -20.59
CA ALA B 213 11.16 -4.83 -20.90
C ALA B 213 10.36 -4.96 -22.19
N GLN B 214 10.43 -6.14 -22.79
CA GLN B 214 9.67 -6.44 -24.01
C GLN B 214 8.25 -6.60 -23.48
N ALA B 215 7.52 -5.49 -23.43
CA ALA B 215 6.16 -5.49 -22.89
C ALA B 215 5.01 -5.50 -23.92
N LEU B 216 3.94 -6.20 -23.56
CA LEU B 216 2.76 -6.29 -24.42
C LEU B 216 1.45 -6.47 -23.64
N THR B 217 0.41 -5.84 -24.14
CA THR B 217 -0.92 -5.97 -23.57
C THR B 217 -1.63 -6.77 -24.65
N MSE B 218 -1.77 -8.07 -24.43
CA MSE B 218 -2.40 -8.95 -25.41
C MSE B 218 -3.88 -9.22 -25.16
O MSE B 218 -4.27 -9.68 -24.09
CB MSE B 218 -1.65 -10.28 -25.46
CG MSE B 218 -0.24 -10.18 -26.04
SE MSE B 218 0.95 -11.55 -25.38
CE MSE B 218 1.35 -10.71 -23.69
N GLU B 219 -4.69 -8.92 -26.17
CA GLU B 219 -6.14 -9.14 -26.09
C GLU B 219 -6.43 -10.53 -26.65
N LEU B 220 -6.54 -11.51 -25.74
CA LEU B 220 -6.80 -12.90 -26.11
C LEU B 220 -8.27 -13.28 -25.96
N GLY B 221 -9.02 -13.23 -27.04
CA GLY B 221 -10.42 -13.61 -26.98
C GLY B 221 -11.37 -12.61 -26.36
N ARG B 222 -12.51 -13.11 -25.92
CA ARG B 222 -13.56 -12.30 -25.31
C ARG B 222 -13.67 -12.58 -23.82
N VAL B 223 -14.47 -11.79 -23.12
CA VAL B 223 -14.67 -11.97 -21.69
C VAL B 223 -15.65 -13.11 -21.40
N ALA B 224 -15.28 -13.96 -20.44
CA ALA B 224 -16.09 -15.08 -20.01
C ALA B 224 -15.62 -15.54 -18.64
N ARG B 225 -16.44 -16.33 -17.94
CA ARG B 225 -16.06 -16.82 -16.62
C ARG B 225 -15.26 -18.11 -16.74
N ILE B 226 -14.60 -18.48 -15.64
CA ILE B 226 -13.78 -19.68 -15.60
C ILE B 226 -14.68 -20.88 -15.89
N GLY B 227 -14.28 -21.67 -16.87
CA GLY B 227 -15.04 -22.84 -17.25
C GLY B 227 -16.03 -22.55 -18.37
N GLU B 228 -16.15 -21.29 -18.76
CA GLU B 228 -17.08 -20.90 -19.82
C GLU B 228 -16.32 -20.18 -20.92
N ASN B 229 -15.02 -20.46 -21.00
CA ASN B 229 -14.15 -19.85 -22.00
C ASN B 229 -14.00 -20.71 -23.25
N ALA B 230 -13.49 -20.08 -24.31
CA ALA B 230 -13.24 -20.78 -25.57
C ALA B 230 -11.73 -21.04 -25.64
N LEU B 231 -11.23 -21.73 -24.62
CA LEU B 231 -9.81 -22.07 -24.49
C LEU B 231 -9.27 -22.79 -25.73
N ASP B 232 -10.17 -23.39 -26.50
CA ASP B 232 -9.80 -24.12 -27.70
C ASP B 232 -9.24 -23.23 -28.81
N ARG B 233 -9.64 -21.97 -28.83
CA ARG B 233 -9.18 -21.03 -29.85
C ARG B 233 -7.90 -20.30 -29.48
N LEU B 234 -7.27 -20.71 -28.38
CA LEU B 234 -6.03 -20.10 -27.95
C LEU B 234 -4.90 -21.11 -27.87
N THR B 235 -5.11 -22.27 -28.46
CA THR B 235 -4.11 -23.34 -28.45
C THR B 235 -2.78 -22.90 -29.06
N ALA B 236 -2.83 -21.94 -29.98
CA ALA B 236 -1.64 -21.44 -30.66
C ALA B 236 -0.83 -20.58 -29.69
N PHE B 237 -1.51 -19.61 -29.07
CA PHE B 237 -0.88 -18.74 -28.11
C PHE B 237 -0.29 -19.62 -27.00
N ASP B 238 -1.11 -20.54 -26.50
CA ASP B 238 -0.69 -21.44 -25.43
C ASP B 238 0.62 -22.14 -25.77
N LEU B 239 0.62 -22.92 -26.85
CA LEU B 239 1.81 -23.64 -27.26
C LEU B 239 3.01 -22.69 -27.40
N ALA B 240 2.80 -21.58 -28.09
CA ALA B 240 3.85 -20.60 -28.30
C ALA B 240 4.45 -20.14 -26.96
N LEU B 241 3.57 -19.69 -26.06
CA LEU B 241 3.99 -19.22 -24.73
C LEU B 241 4.75 -20.33 -24.01
N ARG B 242 4.34 -21.58 -24.25
CA ARG B 242 4.98 -22.73 -23.63
C ARG B 242 6.43 -22.82 -24.10
N ASN B 243 6.63 -22.61 -25.40
CA ASN B 243 7.95 -22.68 -26.00
C ASN B 243 8.82 -21.51 -25.51
N LEU B 244 8.17 -20.40 -25.21
CA LEU B 244 8.87 -19.21 -24.71
C LEU B 244 9.47 -19.56 -23.36
N ILE B 245 8.75 -20.40 -22.61
CA ILE B 245 9.18 -20.84 -21.29
C ILE B 245 10.14 -22.00 -21.43
N ALA B 246 9.86 -22.90 -22.38
CA ALA B 246 10.71 -24.05 -22.61
C ALA B 246 11.59 -23.76 -23.82
N GLU B 247 12.38 -22.70 -23.72
CA GLU B 247 13.27 -22.31 -24.80
C GLU B 247 14.30 -23.39 -25.07
N LEU B 253 8.26 -20.72 -39.19
CA LEU B 253 7.02 -21.41 -39.52
C LEU B 253 5.79 -20.61 -39.12
N SER B 254 5.76 -19.32 -39.45
CA SER B 254 4.62 -18.48 -39.11
C SER B 254 4.57 -17.16 -39.87
N LYS B 255 3.42 -16.87 -40.46
CA LYS B 255 3.23 -15.64 -41.23
C LYS B 255 3.31 -14.43 -40.31
N PRO B 256 3.51 -13.23 -40.89
CA PRO B 256 3.60 -12.01 -40.09
C PRO B 256 2.25 -11.48 -39.62
N CYS B 257 2.24 -10.87 -38.43
CA CYS B 257 1.03 -10.30 -37.87
C CYS B 257 0.81 -8.95 -38.56
N ILE B 258 -0.43 -8.55 -38.71
CA ILE B 258 -0.74 -7.28 -39.34
C ILE B 258 -0.31 -6.12 -38.45
N LYS B 259 0.91 -5.62 -38.70
CA LYS B 259 1.44 -4.51 -37.93
C LYS B 259 0.67 -3.21 -38.06
N TYR B 260 -0.30 -3.00 -37.16
CA TYR B 260 -1.08 -1.77 -37.16
C TYR B 260 -0.22 -0.78 -36.38
N ARG B 261 -0.01 0.42 -36.91
CA ARG B 261 0.84 1.38 -36.20
C ARG B 261 0.15 2.63 -35.68
N VAL B 262 0.12 3.67 -36.49
CA VAL B 262 -0.47 4.95 -36.09
C VAL B 262 -1.69 4.85 -35.19
N SER B 263 -1.72 5.72 -34.19
CA SER B 263 -2.82 5.78 -33.23
C SER B 263 -3.38 7.19 -33.25
N ARG B 264 -3.89 7.61 -34.39
CA ARG B 264 -4.46 8.94 -34.56
C ARG B 264 -5.60 9.15 -33.55
N THR B 265 -5.27 9.79 -32.43
CA THR B 265 -6.24 10.05 -31.38
C THR B 265 -6.73 11.50 -31.42
N MSE B 276 -21.86 7.87 -32.85
CA MSE B 276 -22.86 7.51 -33.83
C MSE B 276 -23.35 6.08 -33.64
O MSE B 276 -24.54 5.85 -33.40
CB MSE B 276 -22.29 7.67 -35.25
CG MSE B 276 -21.89 9.09 -35.61
SE MSE B 276 -21.26 9.27 -37.45
CE MSE B 276 -19.36 9.34 -37.12
N PHE B 277 -22.44 5.13 -33.72
CA PHE B 277 -22.77 3.72 -33.56
C PHE B 277 -23.16 3.37 -32.13
N ASP B 278 -23.46 2.09 -31.91
CA ASP B 278 -23.86 1.60 -30.60
C ASP B 278 -22.68 1.00 -29.85
N ASP B 279 -22.94 0.51 -28.63
CA ASP B 279 -21.89 -0.09 -27.82
C ASP B 279 -21.72 -1.58 -28.13
N ASN B 280 -22.33 -2.04 -29.23
CA ASN B 280 -22.24 -3.44 -29.62
C ASN B 280 -21.26 -3.63 -30.78
N VAL B 281 -20.74 -2.52 -31.31
CA VAL B 281 -19.81 -2.55 -32.43
C VAL B 281 -18.51 -3.31 -32.15
N GLU B 282 -17.83 -3.71 -33.23
CA GLU B 282 -16.58 -4.45 -33.12
C GLU B 282 -15.35 -3.58 -33.35
N ASN B 283 -14.22 -4.00 -32.77
CA ASN B 283 -12.96 -3.29 -32.90
C ASN B 283 -12.43 -3.35 -34.33
N PHE B 284 -11.49 -2.46 -34.64
CA PHE B 284 -10.91 -2.41 -35.98
C PHE B 284 -11.98 -2.20 -37.04
N ALA B 309 -9.98 0.49 -38.33
CA ALA B 309 -10.80 1.69 -38.38
C ALA B 309 -10.79 2.39 -37.03
N ILE B 310 -11.58 1.87 -36.10
CA ILE B 310 -11.68 2.42 -34.75
C ILE B 310 -11.40 1.28 -33.77
N VAL B 311 -10.85 1.61 -32.61
CA VAL B 311 -10.54 0.60 -31.61
C VAL B 311 -10.85 1.07 -30.19
N PHE B 312 -11.31 0.14 -29.36
CA PHE B 312 -11.62 0.43 -27.96
C PHE B 312 -12.61 1.55 -27.68
N PRO B 313 -13.67 1.70 -28.49
CA PRO B 313 -14.62 2.77 -28.20
C PRO B 313 -15.43 2.53 -26.93
N ASN B 314 -15.60 3.57 -26.11
CA ASN B 314 -16.35 3.45 -24.86
C ASN B 314 -16.75 4.83 -24.34
N ARG B 315 -18.04 5.10 -24.31
CA ARG B 315 -18.55 6.40 -23.87
C ARG B 315 -18.94 6.44 -22.39
N HIS B 316 -18.56 5.40 -21.63
CA HIS B 316 -18.88 5.36 -20.21
C HIS B 316 -17.67 5.60 -19.31
N VAL B 317 -16.59 6.11 -19.88
CA VAL B 317 -15.38 6.39 -19.11
C VAL B 317 -15.23 7.90 -18.93
N LEU B 325 -7.82 6.70 -30.89
CA LEU B 325 -7.33 5.35 -31.05
C LEU B 325 -7.83 4.72 -32.35
N MSE B 326 -7.21 5.07 -33.46
CA MSE B 326 -7.58 4.53 -34.75
C MSE B 326 -6.36 4.03 -35.50
O MSE B 326 -5.56 4.80 -36.02
CB MSE B 326 -8.34 5.57 -35.57
CG MSE B 326 -9.72 5.85 -34.99
SE MSE B 326 -10.89 6.87 -36.13
CE MSE B 326 -11.07 8.45 -35.04
N VAL B 327 -6.23 2.70 -35.54
CA VAL B 327 -5.11 2.00 -36.16
C VAL B 327 -4.98 2.15 -37.68
N CYS B 328 -3.85 1.65 -38.18
CA CYS B 328 -3.53 1.67 -39.60
C CYS B 328 -2.31 0.79 -39.85
N GLU B 329 -2.39 -0.06 -40.88
CA GLU B 329 -1.29 -0.98 -41.20
C GLU B 329 -0.16 -0.33 -41.99
N VAL B 330 0.70 0.40 -41.30
CA VAL B 330 1.83 1.08 -41.92
C VAL B 330 3.01 0.13 -42.09
N LYS B 331 3.84 0.39 -43.09
CA LYS B 331 5.01 -0.44 -43.38
C LYS B 331 5.95 -0.44 -42.17
N THR B 332 6.57 -1.60 -41.92
CA THR B 332 7.48 -1.73 -40.79
C THR B 332 8.64 -2.70 -41.07
N ARG B 333 9.87 -2.22 -40.86
CA ARG B 333 11.03 -3.06 -41.09
C ARG B 333 12.03 -2.95 -39.94
N PHE B 334 12.69 -4.05 -39.62
CA PHE B 334 13.65 -4.13 -38.52
C PHE B 334 14.97 -3.40 -38.73
N GLU B 335 15.24 -2.43 -37.85
CA GLU B 335 16.49 -1.67 -37.90
C GLU B 335 17.17 -1.74 -36.53
N GLU B 336 18.46 -2.08 -36.54
CA GLU B 336 19.21 -2.18 -35.29
C GLU B 336 18.52 -3.17 -34.36
N GLY B 337 17.94 -4.22 -34.95
CA GLY B 337 17.26 -5.23 -34.16
C GLY B 337 15.97 -4.71 -33.54
N GLU B 338 15.45 -3.62 -34.09
CA GLU B 338 14.22 -3.02 -33.58
C GLU B 338 13.23 -2.69 -34.68
N LEU B 339 11.96 -3.06 -34.46
CA LEU B 339 10.89 -2.80 -35.41
C LEU B 339 10.63 -1.29 -35.42
N VAL B 340 11.03 -0.62 -36.50
CA VAL B 340 10.84 0.82 -36.60
C VAL B 340 9.50 1.24 -37.20
N TYR B 341 9.21 2.52 -37.12
CA TYR B 341 7.96 3.08 -37.63
C TYR B 341 7.78 2.92 -39.13
N ASP B 342 8.22 3.92 -39.89
CA ASP B 342 8.08 3.90 -41.35
C ASP B 342 9.34 3.37 -42.06
ZN ZN C . 6.37 6.38 15.91
ZN ZN D . -8.32 -6.49 -19.94
#